data_8XD7
#
_entry.id   8XD7
#
loop_
_entity.id
_entity.type
_entity.pdbx_description
1 polymer 'Urea transporter 2'
2 non-polymer N-(4-acetamidophenyl)-5-ethanoyl-furan-2-carboxamide
#
_entity_poly.entity_id   1
_entity_poly.type   'polypeptide(L)'
_entity_poly.pdbx_seq_one_letter_code
;MEESSEIKVETNISKTSWIRSSMAASGKRVSKALSYITGEMKECGEGLKDKSPVFQFFDWVLRGTSQVMFVNNPLSGILI
ILGLFIQNPWWAISGCLGTIMSTLTALILSQDKSAIAAGFHGYNGVLVGLLMAVFSDKGDYYWWLLLPVIIMSMSCPILS
SALGTIFSKWDLPVFTLPFNITVTLYLAATGHYNLFFPTTLLQPASAMPNITWSEVQVPLLLRAIPVGIGQVYGCDNPWT
GGIFLIALFISSPLICLHAAIGSTMGMLAALTIATPFDSIYFGLCGFNSTLACIAIGGMFYVITWQTHLLAIACALFAAY
LGAALANMLSVFGLPPCTWPFCLSALTFLLLTTNNPAIYKLPLSKVTYPEANRIYYLSQERNRRASIITKYQAYDVS
;
_entity_poly.pdbx_strand_id   A,B,C
#
loop_
_chem_comp.id
_chem_comp.type
_chem_comp.name
_chem_comp.formula
A1LU9 non-polymer N-(4-acetamidophenyl)-5-ethanoyl-furan-2-carboxamide 'C15 H14 N2 O4'
#
# COMPACT_ATOMS: atom_id res chain seq x y z
N SER A 52 -15.00 -40.13 -12.62
CA SER A 52 -13.88 -40.47 -11.75
C SER A 52 -13.29 -39.24 -11.09
N PRO A 53 -13.01 -39.32 -9.79
CA PRO A 53 -12.40 -38.17 -9.09
C PRO A 53 -11.10 -37.72 -9.71
N VAL A 54 -10.27 -38.64 -10.18
CA VAL A 54 -9.01 -38.24 -10.81
C VAL A 54 -9.27 -37.43 -12.07
N PHE A 55 -10.20 -37.90 -12.91
CA PHE A 55 -10.54 -37.15 -14.12
C PHE A 55 -11.15 -35.80 -13.77
N GLN A 56 -11.97 -35.74 -12.72
CA GLN A 56 -12.55 -34.46 -12.31
C GLN A 56 -11.46 -33.48 -11.88
N PHE A 57 -10.49 -33.96 -11.10
CA PHE A 57 -9.40 -33.09 -10.68
C PHE A 57 -8.55 -32.63 -11.87
N PHE A 58 -8.31 -33.52 -12.83
CA PHE A 58 -7.58 -33.11 -14.01
C PHE A 58 -8.35 -32.07 -14.81
N ASP A 59 -9.66 -32.24 -14.93
CA ASP A 59 -10.48 -31.24 -15.60
C ASP A 59 -10.39 -29.90 -14.87
N TRP A 60 -10.41 -29.94 -13.53
CA TRP A 60 -10.27 -28.71 -12.76
C TRP A 60 -8.94 -28.04 -13.03
N VAL A 61 -7.86 -28.83 -13.11
CA VAL A 61 -6.54 -28.25 -13.32
C VAL A 61 -6.40 -27.67 -14.72
N LEU A 62 -6.93 -28.28 -15.76
CA LEU A 62 -6.89 -27.67 -17.08
C LEU A 62 -7.65 -26.36 -17.12
N ARG A 63 -8.81 -26.29 -16.52
CA ARG A 63 -9.59 -25.08 -16.51
C ARG A 63 -8.89 -24.00 -15.81
N GLY A 64 -8.17 -24.34 -14.79
CA GLY A 64 -7.42 -23.36 -14.07
C GLY A 64 -6.37 -22.68 -14.90
N THR A 65 -5.68 -23.44 -15.74
CA THR A 65 -4.68 -22.86 -16.55
C THR A 65 -5.31 -21.86 -17.41
N SER A 66 -6.45 -22.20 -17.97
CA SER A 66 -7.12 -21.31 -18.89
C SER A 66 -7.55 -20.06 -18.34
N GLN A 67 -7.99 -20.07 -17.09
CA GLN A 67 -8.52 -18.87 -16.45
C GLN A 67 -7.51 -17.74 -16.39
N VAL A 68 -6.28 -18.03 -16.80
CA VAL A 68 -5.26 -16.96 -16.82
C VAL A 68 -5.53 -15.92 -17.90
N MET A 69 -6.02 -16.36 -19.06
CA MET A 69 -6.37 -15.39 -20.09
C MET A 69 -7.87 -15.18 -20.10
N PHE A 70 -8.50 -15.32 -18.94
CA PHE A 70 -9.95 -15.11 -18.80
C PHE A 70 -10.82 -16.07 -19.61
N VAL A 71 -10.41 -17.34 -19.69
CA VAL A 71 -11.17 -18.33 -20.46
C VAL A 71 -11.50 -19.55 -19.57
N ASN A 72 -12.65 -20.20 -19.79
CA ASN A 72 -13.00 -21.39 -19.02
C ASN A 72 -13.34 -22.50 -20.00
N ASN A 73 -12.32 -23.24 -20.43
CA ASN A 73 -12.53 -24.31 -21.40
C ASN A 73 -11.37 -25.30 -21.32
N PRO A 74 -11.66 -26.59 -21.10
CA PRO A 74 -10.57 -27.56 -21.04
C PRO A 74 -9.73 -27.65 -22.30
N LEU A 75 -10.29 -27.40 -23.46
CA LEU A 75 -9.52 -27.43 -24.68
C LEU A 75 -8.61 -26.26 -24.71
N SER A 76 -9.07 -25.13 -24.30
CA SER A 76 -8.19 -23.98 -24.21
C SER A 76 -7.03 -24.26 -23.27
N GLY A 77 -7.31 -24.91 -22.14
CA GLY A 77 -6.25 -25.25 -21.21
C GLY A 77 -5.23 -26.20 -21.80
N ILE A 78 -5.70 -27.21 -22.54
CA ILE A 78 -4.76 -28.18 -23.10
C ILE A 78 -3.92 -27.52 -24.20
N LEU A 79 -4.51 -26.61 -24.96
CA LEU A 79 -3.72 -25.87 -25.94
C LEU A 79 -2.70 -24.97 -25.25
N ILE A 80 -3.07 -24.36 -24.13
CA ILE A 80 -2.12 -23.53 -23.39
C ILE A 80 -0.96 -24.38 -22.88
N ILE A 81 -1.26 -25.58 -22.38
CA ILE A 81 -0.20 -26.47 -21.92
C ILE A 81 0.69 -26.89 -23.09
N LEU A 82 0.09 -27.11 -24.27
CA LEU A 82 0.90 -27.42 -25.45
C LEU A 82 1.83 -26.27 -25.81
N GLY A 83 1.31 -25.04 -25.76
CA GLY A 83 2.15 -23.89 -26.03
C GLY A 83 3.29 -23.74 -25.03
N LEU A 84 2.99 -23.99 -23.75
CA LEU A 84 4.05 -23.95 -22.74
C LEU A 84 5.11 -25.01 -23.01
N PHE A 85 4.69 -26.21 -23.42
CA PHE A 85 5.66 -27.22 -23.82
C PHE A 85 6.48 -26.76 -25.01
N ILE A 86 5.88 -26.03 -25.95
CA ILE A 86 6.65 -25.46 -27.05
C ILE A 86 7.72 -24.51 -26.52
N GLN A 87 7.36 -23.65 -25.57
CA GLN A 87 8.31 -22.68 -25.06
C GLN A 87 9.44 -23.32 -24.26
N ASN A 88 9.09 -23.92 -23.11
CA ASN A 88 10.08 -24.57 -22.25
C ASN A 88 9.42 -25.70 -21.48
N PRO A 89 9.89 -26.94 -21.64
CA PRO A 89 9.33 -28.04 -20.82
C PRO A 89 9.51 -27.81 -19.34
N TRP A 90 10.62 -27.19 -18.93
CA TRP A 90 10.85 -26.95 -17.51
C TRP A 90 9.85 -25.95 -16.95
N TRP A 91 9.63 -24.85 -17.66
CA TRP A 91 8.66 -23.85 -17.20
C TRP A 91 7.28 -24.47 -17.10
N ALA A 92 6.89 -25.25 -18.11
CA ALA A 92 5.57 -25.87 -18.11
C ALA A 92 5.43 -26.85 -16.96
N ILE A 93 6.47 -27.63 -16.68
CA ILE A 93 6.40 -28.58 -15.56
C ILE A 93 6.21 -27.82 -14.26
N SER A 94 6.97 -26.75 -14.06
CA SER A 94 6.85 -25.98 -12.83
C SER A 94 5.45 -25.37 -12.70
N GLY A 95 4.94 -24.80 -13.79
CA GLY A 95 3.63 -24.17 -13.73
C GLY A 95 2.50 -25.18 -13.51
N CYS A 96 2.56 -26.32 -14.17
CA CYS A 96 1.54 -27.34 -13.98
C CYS A 96 1.57 -27.87 -12.57
N LEU A 97 2.76 -28.09 -12.01
CA LEU A 97 2.83 -28.51 -10.62
C LEU A 97 2.28 -27.42 -9.70
N GLY A 98 2.54 -26.16 -10.03
CA GLY A 98 2.01 -25.07 -9.22
C GLY A 98 0.50 -25.05 -9.20
N THR A 99 -0.12 -25.18 -10.37
CA THR A 99 -1.59 -25.19 -10.39
C THR A 99 -2.16 -26.43 -9.73
N ILE A 100 -1.46 -27.56 -9.84
CA ILE A 100 -1.92 -28.78 -9.17
C ILE A 100 -1.94 -28.56 -7.66
N MET A 101 -0.86 -28.02 -7.11
CA MET A 101 -0.82 -27.76 -5.67
C MET A 101 -1.85 -26.72 -5.26
N SER A 102 -2.04 -25.67 -6.06
CA SER A 102 -3.01 -24.64 -5.71
C SER A 102 -4.42 -25.22 -5.65
N THR A 103 -4.81 -25.98 -6.66
CA THR A 103 -6.14 -26.59 -6.64
C THR A 103 -6.28 -27.58 -5.49
N LEU A 104 -5.25 -28.40 -5.27
CA LEU A 104 -5.33 -29.39 -4.20
C LEU A 104 -5.49 -28.73 -2.84
N THR A 105 -4.75 -27.65 -2.59
CA THR A 105 -4.89 -26.98 -1.29
C THR A 105 -6.19 -26.19 -1.22
N ALA A 106 -6.76 -25.81 -2.37
CA ALA A 106 -8.10 -25.24 -2.35
C ALA A 106 -9.11 -26.27 -1.85
N LEU A 107 -9.02 -27.51 -2.33
CA LEU A 107 -9.86 -28.56 -1.74
C LEU A 107 -9.52 -28.80 -0.28
N ILE A 108 -8.23 -28.73 0.08
CA ILE A 108 -7.82 -29.03 1.44
C ILE A 108 -8.43 -28.04 2.43
N LEU A 109 -8.34 -26.75 2.13
CA LEU A 109 -8.92 -25.77 3.03
C LEU A 109 -10.37 -25.48 2.71
N SER A 110 -11.15 -26.55 2.55
CA SER A 110 -12.61 -26.53 2.46
C SER A 110 -13.14 -25.29 1.74
N GLN A 111 -12.60 -25.01 0.57
CA GLN A 111 -13.07 -23.87 -0.19
C GLN A 111 -14.29 -24.24 -1.01
N ASP A 112 -14.86 -23.25 -1.69
CA ASP A 112 -16.11 -23.44 -2.41
C ASP A 112 -15.91 -24.40 -3.56
N LYS A 113 -16.86 -25.33 -3.73
CA LYS A 113 -16.72 -26.35 -4.76
C LYS A 113 -16.84 -25.77 -6.16
N SER A 114 -17.76 -24.83 -6.37
CA SER A 114 -17.94 -24.25 -7.70
C SER A 114 -16.70 -23.49 -8.15
N ALA A 115 -16.07 -22.76 -7.24
CA ALA A 115 -14.86 -22.03 -7.59
C ALA A 115 -13.73 -22.97 -8.01
N ILE A 116 -13.57 -24.08 -7.30
CA ILE A 116 -12.55 -25.05 -7.69
C ILE A 116 -12.91 -25.68 -9.03
N ALA A 117 -14.16 -26.08 -9.20
CA ALA A 117 -14.58 -26.74 -10.43
C ALA A 117 -14.49 -25.84 -11.65
N ALA A 118 -14.55 -24.52 -11.44
CA ALA A 118 -14.41 -23.57 -12.54
C ALA A 118 -13.01 -23.01 -12.67
N GLY A 119 -12.07 -23.49 -11.85
CA GLY A 119 -10.69 -23.07 -11.99
C GLY A 119 -10.34 -21.74 -11.36
N PHE A 120 -11.10 -21.21 -10.45
CA PHE A 120 -10.77 -19.94 -9.92
C PHE A 120 -9.77 -20.07 -8.83
N HIS A 121 -9.22 -21.25 -8.62
CA HIS A 121 -8.21 -21.46 -7.60
C HIS A 121 -6.97 -22.15 -8.14
N GLY A 122 -6.81 -22.20 -9.45
CA GLY A 122 -5.65 -22.83 -10.04
C GLY A 122 -4.92 -21.93 -11.01
N TYR A 123 -5.53 -20.81 -11.36
CA TYR A 123 -4.90 -19.85 -12.29
C TYR A 123 -3.77 -19.07 -11.64
N ASN A 124 -3.89 -18.79 -10.34
CA ASN A 124 -2.79 -18.14 -9.66
C ASN A 124 -1.59 -19.05 -9.49
N GLY A 125 -1.82 -20.34 -9.25
CA GLY A 125 -0.72 -21.26 -9.02
C GLY A 125 0.12 -21.50 -10.26
N VAL A 126 -0.52 -21.63 -11.42
CA VAL A 126 0.23 -21.90 -12.64
C VAL A 126 1.16 -20.74 -12.97
N LEU A 127 0.68 -19.51 -12.80
CA LEU A 127 1.53 -18.35 -12.98
C LEU A 127 2.66 -18.34 -11.96
N VAL A 128 2.37 -18.74 -10.72
CA VAL A 128 3.41 -18.79 -9.69
C VAL A 128 4.51 -19.72 -10.13
N GLY A 129 4.17 -20.94 -10.56
CA GLY A 129 5.19 -21.87 -11.00
C GLY A 129 5.95 -21.35 -12.20
N LEU A 130 5.25 -20.77 -13.17
CA LEU A 130 5.90 -20.28 -14.37
C LEU A 130 6.92 -19.19 -14.05
N LEU A 131 6.57 -18.25 -13.18
CA LEU A 131 7.51 -17.18 -12.90
C LEU A 131 8.49 -17.50 -11.78
N MET A 132 8.32 -18.63 -11.09
CA MET A 132 9.46 -19.22 -10.40
C MET A 132 10.49 -19.70 -11.42
N ALA A 133 10.03 -20.38 -12.46
CA ALA A 133 10.93 -20.92 -13.45
C ALA A 133 11.51 -19.86 -14.39
N VAL A 134 10.87 -18.70 -14.50
CA VAL A 134 11.41 -17.63 -15.33
C VAL A 134 12.44 -16.81 -14.58
N PHE A 135 12.11 -16.38 -13.36
CA PHE A 135 13.03 -15.58 -12.56
C PHE A 135 13.86 -16.48 -11.63
N SER A 136 14.59 -17.41 -12.25
CA SER A 136 15.52 -18.26 -11.53
C SER A 136 16.88 -18.17 -12.21
N ASP A 137 17.92 -17.88 -11.44
CA ASP A 137 19.27 -17.74 -11.96
C ASP A 137 20.02 -19.06 -12.02
N LYS A 138 19.44 -20.15 -11.55
CA LYS A 138 20.14 -21.42 -11.50
C LYS A 138 20.04 -22.20 -12.80
N GLY A 139 19.32 -21.68 -13.79
CA GLY A 139 19.20 -22.36 -15.06
C GLY A 139 18.06 -23.36 -15.07
N ASP A 140 17.74 -23.82 -16.27
CA ASP A 140 16.63 -24.72 -16.46
C ASP A 140 16.91 -26.08 -15.84
N TYR A 141 15.85 -26.79 -15.48
CA TYR A 141 15.93 -28.12 -14.88
C TYR A 141 16.74 -28.10 -13.59
N TYR A 142 16.42 -27.12 -12.74
CA TYR A 142 16.95 -27.04 -11.37
C TYR A 142 15.85 -27.54 -10.45
N TRP A 143 15.95 -28.81 -10.09
CA TRP A 143 14.81 -29.49 -9.47
C TRP A 143 14.51 -28.98 -8.07
N TRP A 144 15.48 -28.35 -7.41
CA TRP A 144 15.21 -27.85 -6.06
C TRP A 144 14.22 -26.70 -6.08
N LEU A 145 14.00 -26.09 -7.24
CA LEU A 145 13.06 -24.97 -7.33
C LEU A 145 11.62 -25.41 -7.14
N LEU A 146 11.37 -26.72 -7.19
CA LEU A 146 9.99 -27.20 -7.04
C LEU A 146 9.45 -26.95 -5.64
N LEU A 147 10.31 -27.03 -4.63
CA LEU A 147 9.84 -26.84 -3.26
C LEU A 147 9.27 -25.45 -3.01
N PRO A 148 9.93 -24.35 -3.39
CA PRO A 148 9.25 -23.05 -3.28
C PRO A 148 7.96 -22.98 -4.07
N VAL A 149 7.92 -23.68 -5.21
CA VAL A 149 6.66 -23.75 -5.96
C VAL A 149 5.58 -24.42 -5.13
N ILE A 150 5.92 -25.54 -4.48
CA ILE A 150 4.99 -26.18 -3.54
C ILE A 150 4.45 -25.17 -2.55
N ILE A 151 5.36 -24.53 -1.81
CA ILE A 151 4.94 -23.69 -0.69
C ILE A 151 4.07 -22.54 -1.17
N MET A 152 4.51 -21.85 -2.21
CA MET A 152 3.81 -20.65 -2.64
C MET A 152 2.50 -20.97 -3.34
N SER A 153 2.45 -22.08 -4.07
CA SER A 153 1.19 -22.52 -4.65
C SER A 153 0.19 -22.88 -3.58
N MET A 154 0.64 -23.53 -2.50
CA MET A 154 -0.28 -23.76 -1.39
C MET A 154 -0.70 -22.45 -0.74
N SER A 155 0.16 -21.44 -0.75
CA SER A 155 -0.18 -20.14 -0.17
C SER A 155 -1.14 -19.33 -1.01
N CYS A 156 -1.25 -19.61 -2.31
CA CYS A 156 -2.10 -18.77 -3.17
C CYS A 156 -3.57 -18.76 -2.76
N PRO A 157 -4.24 -19.90 -2.55
CA PRO A 157 -5.67 -19.84 -2.22
C PRO A 157 -5.97 -19.10 -0.92
N ILE A 158 -5.05 -19.10 0.03
CA ILE A 158 -5.28 -18.36 1.27
C ILE A 158 -5.46 -16.88 0.97
N LEU A 159 -4.56 -16.32 0.15
CA LEU A 159 -4.70 -14.94 -0.27
C LEU A 159 -5.93 -14.75 -1.15
N SER A 160 -6.22 -15.72 -2.02
CA SER A 160 -7.38 -15.61 -2.89
C SER A 160 -8.68 -15.57 -2.11
N SER A 161 -8.71 -16.18 -0.93
CA SER A 161 -9.91 -16.12 -0.10
C SER A 161 -9.93 -14.89 0.79
N ALA A 162 -8.78 -14.50 1.36
CA ALA A 162 -8.74 -13.31 2.19
C ALA A 162 -9.08 -12.06 1.38
N LEU A 163 -8.43 -11.90 0.23
CA LEU A 163 -8.72 -10.76 -0.62
C LEU A 163 -10.09 -10.86 -1.24
N GLY A 164 -10.60 -12.08 -1.44
CA GLY A 164 -11.98 -12.24 -1.84
C GLY A 164 -12.97 -11.73 -0.81
N THR A 165 -12.66 -11.92 0.46
CA THR A 165 -13.48 -11.36 1.53
C THR A 165 -13.36 -9.84 1.60
N ILE A 166 -12.16 -9.31 1.39
CA ILE A 166 -11.99 -7.86 1.38
C ILE A 166 -12.79 -7.25 0.22
N PHE A 167 -12.60 -7.77 -0.99
CA PHE A 167 -13.22 -7.24 -2.19
C PHE A 167 -14.65 -7.73 -2.40
N SER A 168 -15.26 -8.35 -1.39
CA SER A 168 -16.63 -8.80 -1.53
C SER A 168 -17.63 -7.69 -1.30
N LYS A 169 -17.30 -6.70 -0.48
CA LYS A 169 -18.23 -5.62 -0.19
C LYS A 169 -18.52 -4.80 -1.44
N TRP A 170 -17.49 -4.48 -2.21
CA TRP A 170 -17.65 -3.69 -3.42
C TRP A 170 -17.87 -4.56 -4.64
N ASP A 171 -17.97 -5.87 -4.50
CA ASP A 171 -18.12 -6.80 -5.63
C ASP A 171 -17.10 -6.71 -6.71
N LEU A 172 -15.84 -6.89 -6.33
CA LEU A 172 -14.74 -6.89 -7.29
C LEU A 172 -14.01 -8.21 -7.21
N PRO A 173 -13.47 -8.67 -8.35
CA PRO A 173 -12.68 -9.91 -8.33
C PRO A 173 -11.32 -9.72 -7.69
N VAL A 174 -10.76 -10.78 -7.13
CA VAL A 174 -9.41 -10.71 -6.56
C VAL A 174 -8.38 -10.49 -7.65
N PHE A 175 -8.72 -10.83 -8.89
CA PHE A 175 -7.77 -10.74 -10.00
C PHE A 175 -6.55 -11.61 -9.78
N THR A 176 -5.37 -11.07 -10.04
CA THR A 176 -4.15 -11.84 -9.87
C THR A 176 -3.44 -11.41 -8.60
N LEU A 177 -4.12 -10.65 -7.75
CA LEU A 177 -3.49 -10.12 -6.56
C LEU A 177 -2.93 -11.21 -5.63
N PRO A 178 -3.64 -12.33 -5.46
CA PRO A 178 -3.00 -13.35 -4.62
C PRO A 178 -1.68 -13.79 -5.24
N PHE A 179 -1.64 -13.98 -6.55
CA PHE A 179 -0.39 -14.35 -7.22
C PHE A 179 0.67 -13.26 -7.06
N ASN A 180 0.33 -12.01 -7.35
CA ASN A 180 1.28 -10.91 -7.25
C ASN A 180 1.90 -10.86 -5.86
N ILE A 181 1.08 -10.97 -4.83
CA ILE A 181 1.61 -10.96 -3.47
C ILE A 181 2.54 -12.15 -3.26
N THR A 182 2.14 -13.33 -3.72
CA THR A 182 2.94 -14.52 -3.47
C THR A 182 4.29 -14.45 -4.18
N VAL A 183 4.28 -14.09 -5.47
CA VAL A 183 5.52 -14.08 -6.23
C VAL A 183 6.41 -12.91 -5.82
N THR A 184 5.82 -11.78 -5.45
CA THR A 184 6.63 -10.68 -4.91
C THR A 184 7.26 -11.10 -3.59
N LEU A 185 6.51 -11.81 -2.76
CA LEU A 185 7.06 -12.32 -1.51
C LEU A 185 8.25 -13.24 -1.78
N TYR A 186 8.11 -14.15 -2.76
CA TYR A 186 9.20 -15.05 -3.08
C TYR A 186 10.42 -14.28 -3.60
N LEU A 187 10.23 -13.45 -4.61
CA LEU A 187 11.34 -12.78 -5.26
C LEU A 187 11.96 -11.71 -4.39
N ALA A 188 11.29 -11.29 -3.33
CA ALA A 188 11.89 -10.38 -2.36
C ALA A 188 12.58 -11.13 -1.24
N ALA A 189 11.99 -12.22 -0.77
CA ALA A 189 12.62 -13.01 0.28
C ALA A 189 13.92 -13.62 -0.21
N THR A 190 13.99 -14.03 -1.47
CA THR A 190 15.24 -14.60 -1.97
C THR A 190 16.15 -13.53 -2.56
N GLY A 191 15.71 -12.90 -3.65
CA GLY A 191 16.57 -11.96 -4.33
C GLY A 191 17.68 -12.65 -5.09
N HIS A 192 18.61 -11.85 -5.59
CA HIS A 192 19.68 -12.35 -6.44
C HIS A 192 20.82 -13.00 -5.66
N TYR A 193 20.79 -12.93 -4.34
CA TYR A 193 21.96 -13.29 -3.54
C TYR A 193 21.68 -14.39 -2.53
N ASN A 194 21.04 -15.48 -2.95
CA ASN A 194 20.89 -16.64 -2.09
C ASN A 194 21.99 -17.65 -2.36
N LEU A 195 22.00 -18.70 -1.56
CA LEU A 195 22.79 -19.88 -1.88
C LEU A 195 21.91 -21.03 -2.37
N PHE A 196 20.59 -20.89 -2.27
CA PHE A 196 19.65 -21.93 -2.66
C PHE A 196 18.80 -21.56 -3.85
N PHE A 197 18.09 -20.44 -3.79
CA PHE A 197 17.12 -20.04 -4.81
C PHE A 197 17.36 -18.60 -5.25
N PRO A 198 18.44 -18.33 -5.97
CA PRO A 198 18.68 -16.96 -6.44
C PRO A 198 17.77 -16.62 -7.60
N THR A 199 17.64 -15.32 -7.84
CA THR A 199 16.77 -14.80 -8.88
C THR A 199 17.57 -13.92 -9.82
N THR A 200 16.97 -13.64 -10.99
CA THR A 200 17.62 -12.80 -11.97
C THR A 200 17.72 -11.37 -11.44
N LEU A 201 18.86 -10.74 -11.72
CA LEU A 201 19.13 -9.39 -11.21
C LEU A 201 18.37 -8.37 -12.05
N LEU A 202 17.52 -7.59 -11.39
CA LEU A 202 16.82 -6.47 -12.02
C LEU A 202 17.35 -5.18 -11.42
N GLN A 203 17.73 -4.25 -12.29
CA GLN A 203 18.35 -3.02 -11.82
C GLN A 203 17.65 -1.81 -12.40
N PRO A 204 17.64 -0.68 -11.69
CA PRO A 204 17.03 0.54 -12.22
C PRO A 204 17.88 1.15 -13.32
N ALA A 205 17.23 1.98 -14.13
CA ALA A 205 17.95 2.69 -15.18
C ALA A 205 18.86 3.73 -14.56
N SER A 206 20.13 3.74 -14.99
CA SER A 206 21.11 4.68 -14.50
C SER A 206 21.78 5.47 -15.60
N ALA A 207 21.35 5.31 -16.85
CA ALA A 207 21.90 6.06 -17.96
C ALA A 207 20.80 6.31 -18.97
N MET A 208 20.96 7.35 -19.76
CA MET A 208 19.96 7.71 -20.74
C MET A 208 19.97 6.69 -21.88
N PRO A 209 18.85 6.02 -22.15
CA PRO A 209 18.85 5.00 -23.20
C PRO A 209 19.09 5.61 -24.57
N ASN A 210 19.72 4.82 -25.43
CA ASN A 210 20.01 5.21 -26.80
C ASN A 210 18.98 4.54 -27.71
N ILE A 211 18.03 5.32 -28.20
CA ILE A 211 16.98 4.82 -29.08
C ILE A 211 17.16 5.51 -30.43
N THR A 212 17.34 4.71 -31.47
CA THR A 212 17.49 5.19 -32.83
C THR A 212 16.23 4.80 -33.60
N TRP A 213 15.31 5.74 -33.74
CA TRP A 213 14.02 5.44 -34.35
C TRP A 213 14.11 5.10 -35.83
N SER A 214 15.24 5.36 -36.47
CA SER A 214 15.41 5.03 -37.88
C SER A 214 15.77 3.57 -38.10
N GLU A 215 15.99 2.81 -37.03
CA GLU A 215 16.30 1.38 -37.12
C GLU A 215 15.32 0.55 -36.31
N VAL A 216 14.06 0.99 -36.22
CA VAL A 216 13.02 0.18 -35.58
C VAL A 216 12.58 -0.92 -36.53
N GLN A 217 12.47 -2.14 -36.01
CA GLN A 217 12.01 -3.27 -36.80
C GLN A 217 10.49 -3.32 -36.72
N VAL A 218 9.83 -2.75 -37.74
CA VAL A 218 8.37 -2.79 -37.77
C VAL A 218 7.83 -4.22 -37.80
N PRO A 219 8.39 -5.15 -38.58
CA PRO A 219 7.89 -6.54 -38.48
C PRO A 219 7.98 -7.12 -37.08
N LEU A 220 9.10 -6.91 -36.38
CA LEU A 220 9.18 -7.37 -35.00
C LEU A 220 8.22 -6.60 -34.10
N LEU A 221 8.02 -5.31 -34.42
CA LEU A 221 7.06 -4.52 -33.65
C LEU A 221 5.67 -5.11 -33.76
N LEU A 222 5.26 -5.53 -34.96
CA LEU A 222 3.97 -6.17 -35.11
C LEU A 222 3.97 -7.56 -34.49
N ARG A 223 5.12 -8.24 -34.50
CA ARG A 223 5.23 -9.52 -33.80
C ARG A 223 5.05 -9.35 -32.30
N ALA A 224 5.17 -8.13 -31.79
CA ALA A 224 4.97 -7.91 -30.37
C ALA A 224 3.53 -8.21 -29.93
N ILE A 225 2.59 -8.34 -30.84
CA ILE A 225 1.21 -8.64 -30.49
C ILE A 225 1.06 -10.10 -30.05
N PRO A 226 1.40 -11.10 -30.88
CA PRO A 226 1.34 -12.48 -30.37
C PRO A 226 2.29 -12.73 -29.21
N VAL A 227 3.47 -12.10 -29.22
CA VAL A 227 4.38 -12.25 -28.08
C VAL A 227 3.77 -11.65 -26.83
N GLY A 228 3.07 -10.52 -26.98
CA GLY A 228 2.38 -9.96 -25.83
C GLY A 228 1.30 -10.87 -25.30
N ILE A 229 0.60 -11.62 -26.12
CA ILE A 229 -0.39 -12.50 -25.54
C ILE A 229 0.23 -13.71 -24.90
N GLY A 230 1.53 -13.82 -24.96
CA GLY A 230 2.18 -14.99 -24.45
C GLY A 230 3.00 -14.68 -23.27
N GLN A 231 3.09 -13.40 -22.94
CA GLN A 231 3.82 -13.00 -21.76
C GLN A 231 2.83 -12.97 -20.62
N VAL A 232 1.60 -13.43 -20.86
CA VAL A 232 0.66 -13.51 -19.76
C VAL A 232 1.21 -14.67 -18.96
N TYR A 233 1.83 -15.63 -19.63
CA TYR A 233 2.42 -16.77 -18.95
C TYR A 233 3.93 -16.64 -18.78
N GLY A 234 4.49 -15.53 -19.23
CA GLY A 234 5.93 -15.34 -19.14
C GLY A 234 6.73 -15.98 -20.26
N CYS A 235 6.04 -16.54 -21.24
CA CYS A 235 6.71 -17.16 -22.39
C CYS A 235 7.03 -16.11 -23.43
N ASP A 236 7.99 -16.37 -24.32
CA ASP A 236 8.39 -15.34 -25.26
C ASP A 236 8.34 -15.81 -26.71
N ASN A 237 7.99 -17.05 -26.95
CA ASN A 237 7.95 -17.57 -28.30
C ASN A 237 6.76 -17.00 -29.04
N PRO A 238 6.92 -16.53 -30.28
CA PRO A 238 5.74 -16.11 -31.04
C PRO A 238 4.72 -17.21 -31.24
N TRP A 239 5.17 -18.45 -31.41
CA TRP A 239 4.24 -19.53 -31.73
C TRP A 239 3.41 -19.92 -30.51
N THR A 240 3.97 -19.84 -29.31
CA THR A 240 3.14 -20.06 -28.13
C THR A 240 2.11 -18.94 -27.99
N GLY A 241 2.44 -17.73 -28.44
CA GLY A 241 1.45 -16.67 -28.49
C GLY A 241 0.33 -16.99 -29.46
N GLY A 242 0.67 -17.50 -30.64
CA GLY A 242 -0.37 -17.89 -31.58
C GLY A 242 -1.25 -19.02 -31.05
N ILE A 243 -0.63 -19.97 -30.36
CA ILE A 243 -1.42 -21.04 -29.75
C ILE A 243 -2.36 -20.47 -28.70
N PHE A 244 -1.91 -19.47 -27.95
CA PHE A 244 -2.80 -18.81 -27.01
C PHE A 244 -3.94 -18.10 -27.73
N LEU A 245 -3.65 -17.44 -28.85
CA LEU A 245 -4.73 -16.83 -29.63
C LEU A 245 -5.77 -17.87 -30.03
N ILE A 246 -5.32 -19.02 -30.52
CA ILE A 246 -6.27 -20.06 -30.94
C ILE A 246 -7.07 -20.58 -29.75
N ALA A 247 -6.40 -20.75 -28.60
CA ALA A 247 -7.10 -21.25 -27.42
C ALA A 247 -8.14 -20.26 -26.93
N LEU A 248 -7.85 -18.96 -27.00
CA LEU A 248 -8.85 -17.96 -26.66
C LEU A 248 -9.99 -17.95 -27.68
N PHE A 249 -9.67 -18.11 -28.97
CA PHE A 249 -10.72 -18.03 -29.98
C PHE A 249 -11.69 -19.19 -29.88
N ILE A 250 -11.20 -20.39 -29.55
CA ILE A 250 -12.10 -21.55 -29.54
C ILE A 250 -13.18 -21.38 -28.49
N SER A 251 -12.96 -20.53 -27.48
CA SER A 251 -13.97 -20.29 -26.45
C SER A 251 -14.82 -19.07 -26.77
N SER A 252 -14.19 -17.91 -26.88
CA SER A 252 -14.92 -16.68 -27.18
C SER A 252 -14.12 -15.79 -28.12
N PRO A 253 -14.61 -15.56 -29.34
CA PRO A 253 -13.87 -14.70 -30.27
C PRO A 253 -13.66 -13.29 -29.75
N LEU A 254 -14.59 -12.78 -28.96
CA LEU A 254 -14.46 -11.40 -28.48
C LEU A 254 -13.32 -11.29 -27.48
N ILE A 255 -13.07 -12.34 -26.70
CA ILE A 255 -11.89 -12.35 -25.83
C ILE A 255 -10.63 -12.23 -26.67
N CYS A 256 -10.56 -12.97 -27.77
CA CYS A 256 -9.40 -12.90 -28.66
C CYS A 256 -9.24 -11.50 -29.23
N LEU A 257 -10.34 -10.89 -29.68
CA LEU A 257 -10.25 -9.56 -30.27
C LEU A 257 -9.75 -8.55 -29.25
N HIS A 258 -10.30 -8.60 -28.03
CA HIS A 258 -9.87 -7.66 -26.99
C HIS A 258 -8.43 -7.90 -26.60
N ALA A 259 -8.00 -9.16 -26.55
CA ALA A 259 -6.61 -9.45 -26.23
C ALA A 259 -5.66 -8.89 -27.27
N ALA A 260 -5.97 -9.09 -28.55
CA ALA A 260 -5.11 -8.58 -29.61
C ALA A 260 -5.06 -7.05 -29.60
N ILE A 261 -6.23 -6.41 -29.45
CA ILE A 261 -6.26 -4.96 -29.47
C ILE A 261 -5.56 -4.41 -28.24
N GLY A 262 -5.67 -5.08 -27.10
CA GLY A 262 -4.96 -4.63 -25.91
C GLY A 262 -3.46 -4.78 -26.03
N SER A 263 -2.99 -5.88 -26.63
CA SER A 263 -1.55 -6.04 -26.82
C SER A 263 -1.01 -4.97 -27.76
N THR A 264 -1.72 -4.71 -28.86
CA THR A 264 -1.30 -3.65 -29.77
C THR A 264 -1.29 -2.31 -29.06
N MET A 265 -2.28 -2.07 -28.21
CA MET A 265 -2.39 -0.79 -27.53
C MET A 265 -1.32 -0.63 -26.47
N GLY A 266 -0.94 -1.71 -25.80
CA GLY A 266 0.16 -1.64 -24.85
C GLY A 266 1.48 -1.40 -25.54
N MET A 267 1.69 -2.04 -26.69
CA MET A 267 2.82 -1.68 -27.55
C MET A 267 2.85 -0.19 -27.82
N LEU A 268 1.77 0.34 -28.39
CA LEU A 268 1.76 1.74 -28.81
C LEU A 268 1.97 2.67 -27.63
N ALA A 269 1.36 2.38 -26.49
CA ALA A 269 1.60 3.19 -25.30
C ALA A 269 3.03 3.09 -24.81
N ALA A 270 3.70 1.96 -25.02
CA ALA A 270 5.12 1.88 -24.69
C ALA A 270 5.98 2.73 -25.60
N LEU A 271 5.64 2.81 -26.90
CA LEU A 271 6.42 3.66 -27.81
C LEU A 271 6.28 5.14 -27.50
N THR A 272 5.30 5.56 -26.71
CA THR A 272 5.08 6.98 -26.45
C THR A 272 5.88 7.51 -25.28
N ILE A 273 6.66 6.67 -24.59
CA ILE A 273 7.47 7.11 -23.48
C ILE A 273 8.92 6.67 -23.69
N ALA A 274 9.26 6.39 -24.94
CA ALA A 274 10.61 5.99 -25.33
C ALA A 274 11.09 4.77 -24.55
N THR A 275 10.23 3.76 -24.48
CA THR A 275 10.63 2.48 -23.91
C THR A 275 11.61 1.79 -24.86
N PRO A 276 12.69 1.22 -24.35
CA PRO A 276 13.68 0.59 -25.24
C PRO A 276 13.05 -0.50 -26.10
N PHE A 277 13.51 -0.59 -27.35
CA PHE A 277 12.86 -1.44 -28.32
C PHE A 277 12.95 -2.91 -27.97
N ASP A 278 13.98 -3.32 -27.24
CA ASP A 278 14.14 -4.73 -26.91
C ASP A 278 12.99 -5.22 -26.04
N SER A 279 12.49 -4.43 -25.13
CA SER A 279 11.43 -4.89 -24.30
C SER A 279 10.14 -5.03 -25.03
N ILE A 280 9.81 -4.08 -25.87
CA ILE A 280 8.55 -4.11 -26.55
C ILE A 280 8.51 -5.35 -27.39
N TYR A 281 9.60 -5.73 -28.01
CA TYR A 281 9.61 -6.88 -28.86
C TYR A 281 9.28 -8.13 -28.06
N PHE A 282 9.78 -8.28 -26.84
CA PHE A 282 9.45 -9.38 -25.93
C PHE A 282 8.09 -9.32 -25.32
N GLY A 283 7.50 -8.16 -25.28
CA GLY A 283 6.16 -8.01 -24.78
C GLY A 283 6.07 -7.58 -23.39
N LEU A 284 7.20 -7.34 -22.79
CA LEU A 284 7.20 -7.02 -21.43
C LEU A 284 6.34 -5.77 -21.37
N CYS A 285 6.15 -5.04 -22.47
CA CYS A 285 5.15 -3.97 -22.45
C CYS A 285 3.71 -4.40 -22.68
N GLY A 286 3.50 -5.32 -23.63
CA GLY A 286 2.15 -5.73 -23.99
C GLY A 286 1.19 -6.46 -23.06
N PHE A 287 1.68 -7.36 -22.22
CA PHE A 287 0.77 -8.19 -21.41
C PHE A 287 -0.18 -7.55 -20.35
N ASN A 288 0.27 -6.55 -19.61
CA ASN A 288 -0.60 -5.93 -18.61
C ASN A 288 -1.80 -5.33 -19.31
N SER A 289 -1.66 -5.07 -20.61
CA SER A 289 -2.72 -4.44 -21.39
C SER A 289 -3.71 -5.47 -21.91
N THR A 290 -3.21 -6.66 -22.28
CA THR A 290 -4.11 -7.70 -22.76
C THR A 290 -5.11 -8.09 -21.69
N LEU A 291 -4.62 -8.37 -20.49
CA LEU A 291 -5.52 -8.78 -19.41
C LEU A 291 -6.49 -7.68 -19.05
N ALA A 292 -6.01 -6.42 -19.02
CA ALA A 292 -6.90 -5.32 -18.70
C ALA A 292 -8.00 -5.16 -19.76
N CYS A 293 -7.63 -5.28 -21.03
CA CYS A 293 -8.61 -5.15 -22.10
C CYS A 293 -9.64 -6.26 -22.04
N ILE A 294 -9.19 -7.50 -21.82
CA ILE A 294 -10.15 -8.60 -21.70
C ILE A 294 -11.05 -8.39 -20.50
N ALA A 295 -10.50 -7.83 -19.41
CA ALA A 295 -11.30 -7.59 -18.22
C ALA A 295 -12.41 -6.59 -18.48
N ILE A 296 -12.08 -5.43 -19.07
CA ILE A 296 -13.06 -4.37 -19.16
C ILE A 296 -13.96 -4.50 -20.38
N GLY A 297 -13.51 -5.18 -21.43
CA GLY A 297 -14.32 -5.30 -22.62
C GLY A 297 -15.63 -6.04 -22.41
N GLY A 298 -15.55 -7.33 -22.13
CA GLY A 298 -16.75 -8.13 -22.06
C GLY A 298 -16.82 -9.08 -20.88
N MET A 299 -15.76 -9.17 -20.10
CA MET A 299 -15.79 -10.10 -18.98
C MET A 299 -16.57 -9.56 -17.79
N PHE A 300 -16.24 -8.37 -17.31
CA PHE A 300 -16.86 -7.86 -16.10
C PHE A 300 -17.78 -6.69 -16.37
N TYR A 301 -18.00 -6.37 -17.64
CA TYR A 301 -19.00 -5.41 -18.07
C TYR A 301 -19.81 -6.10 -19.16
N VAL A 302 -20.84 -5.41 -19.64
CA VAL A 302 -21.53 -5.86 -20.84
C VAL A 302 -20.87 -5.20 -22.04
N ILE A 303 -20.61 -5.99 -23.09
CA ILE A 303 -19.91 -5.45 -24.25
C ILE A 303 -20.79 -4.45 -24.99
N THR A 304 -20.34 -3.20 -25.02
CA THR A 304 -20.90 -2.14 -25.85
C THR A 304 -19.73 -1.33 -26.37
N TRP A 305 -20.02 -0.45 -27.33
CA TRP A 305 -18.96 0.39 -27.88
C TRP A 305 -18.37 1.30 -26.81
N GLN A 306 -19.22 1.84 -25.93
CA GLN A 306 -18.71 2.63 -24.82
C GLN A 306 -17.80 1.80 -23.94
N THR A 307 -18.20 0.57 -23.65
CA THR A 307 -17.38 -0.31 -22.83
C THR A 307 -16.13 -0.75 -23.57
N HIS A 308 -16.19 -0.87 -24.90
CA HIS A 308 -15.00 -1.14 -25.68
C HIS A 308 -13.99 0.00 -25.56
N LEU A 309 -14.46 1.23 -25.67
CA LEU A 309 -13.56 2.38 -25.51
C LEU A 309 -13.01 2.44 -24.08
N LEU A 310 -13.85 2.10 -23.10
CA LEU A 310 -13.36 2.07 -21.72
C LEU A 310 -12.30 0.99 -21.52
N ALA A 311 -12.46 -0.16 -22.20
CA ALA A 311 -11.44 -1.20 -22.14
C ALA A 311 -10.14 -0.73 -22.78
N ILE A 312 -10.23 0.00 -23.89
CA ILE A 312 -9.02 0.57 -24.49
C ILE A 312 -8.35 1.55 -23.53
N ALA A 313 -9.15 2.39 -22.87
CA ALA A 313 -8.59 3.33 -21.91
C ALA A 313 -7.92 2.59 -20.75
N CYS A 314 -8.54 1.50 -20.29
CA CYS A 314 -7.92 0.69 -19.25
C CYS A 314 -6.63 0.06 -19.74
N ALA A 315 -6.56 -0.31 -21.02
CA ALA A 315 -5.32 -0.82 -21.57
C ALA A 315 -4.23 0.25 -21.56
N LEU A 316 -4.57 1.49 -21.93
CA LEU A 316 -3.59 2.57 -21.84
C LEU A 316 -3.11 2.75 -20.41
N PHE A 317 -4.06 2.79 -19.47
CA PHE A 317 -3.69 3.00 -18.07
C PHE A 317 -2.83 1.86 -17.57
N ALA A 318 -3.14 0.64 -17.98
CA ALA A 318 -2.35 -0.52 -17.57
C ALA A 318 -0.95 -0.44 -18.15
N ALA A 319 -0.79 0.02 -19.38
CA ALA A 319 0.54 0.13 -19.97
C ALA A 319 1.38 1.18 -19.26
N TYR A 320 0.80 2.37 -19.03
CA TYR A 320 1.56 3.41 -18.36
C TYR A 320 1.87 3.04 -16.91
N LEU A 321 0.92 2.41 -16.22
CA LEU A 321 1.19 1.92 -14.87
C LEU A 321 2.20 0.79 -14.89
N GLY A 322 2.26 0.03 -15.99
CA GLY A 322 3.29 -0.97 -16.14
C GLY A 322 4.66 -0.35 -16.20
N ALA A 323 4.81 0.71 -16.98
CA ALA A 323 6.08 1.43 -16.99
C ALA A 323 6.40 1.98 -15.61
N ALA A 324 5.41 2.59 -14.94
CA ALA A 324 5.66 3.20 -13.64
C ALA A 324 6.10 2.17 -12.61
N LEU A 325 5.38 1.06 -12.52
CA LEU A 325 5.71 0.04 -11.53
C LEU A 325 6.96 -0.73 -11.91
N ALA A 326 7.27 -0.84 -13.19
CA ALA A 326 8.54 -1.43 -13.60
C ALA A 326 9.74 -0.57 -13.27
N ASN A 327 9.56 0.75 -13.22
CA ASN A 327 10.64 1.62 -12.76
C ASN A 327 10.69 1.75 -11.25
N MET A 328 9.56 1.59 -10.55
CA MET A 328 9.59 1.67 -9.10
C MET A 328 10.07 0.36 -8.48
N LEU A 329 9.40 -0.75 -8.82
CA LEU A 329 9.71 -2.04 -8.22
C LEU A 329 11.09 -2.55 -8.61
N SER A 330 11.74 -1.92 -9.59
CA SER A 330 13.06 -2.38 -10.01
C SER A 330 14.12 -2.09 -8.95
N VAL A 331 13.93 -1.06 -8.13
CA VAL A 331 14.91 -0.76 -7.10
C VAL A 331 14.98 -1.88 -6.08
N PHE A 332 13.84 -2.52 -5.78
CA PHE A 332 13.84 -3.67 -4.91
C PHE A 332 14.44 -4.91 -5.56
N GLY A 333 14.63 -4.89 -6.88
CA GLY A 333 14.97 -6.10 -7.59
C GLY A 333 13.78 -6.94 -7.98
N LEU A 334 12.61 -6.33 -8.12
CA LEU A 334 11.38 -7.03 -8.39
C LEU A 334 10.80 -6.61 -9.74
N PRO A 335 10.13 -7.51 -10.43
CA PRO A 335 9.50 -7.16 -11.71
C PRO A 335 8.06 -6.71 -11.50
N PRO A 336 7.47 -6.00 -12.46
CA PRO A 336 6.07 -5.58 -12.37
C PRO A 336 5.11 -6.66 -12.82
N CYS A 337 5.16 -7.80 -12.14
CA CYS A 337 4.49 -9.01 -12.59
C CYS A 337 2.99 -8.88 -12.37
N THR A 338 2.32 -8.29 -13.35
CA THR A 338 0.85 -8.24 -13.42
C THR A 338 0.26 -7.45 -12.25
N TRP A 339 1.04 -6.57 -11.65
CA TRP A 339 0.48 -5.59 -10.72
C TRP A 339 -0.30 -4.51 -11.47
N PRO A 340 0.23 -3.94 -12.56
CA PRO A 340 -0.51 -2.87 -13.24
C PRO A 340 -1.85 -3.31 -13.78
N PHE A 341 -1.96 -4.55 -14.27
CA PHE A 341 -3.27 -5.04 -14.69
C PHE A 341 -4.25 -5.02 -13.53
N CYS A 342 -3.83 -5.55 -12.39
CA CYS A 342 -4.71 -5.58 -11.22
C CYS A 342 -5.18 -4.19 -10.86
N LEU A 343 -4.23 -3.26 -10.69
CA LEU A 343 -4.61 -1.94 -10.21
C LEU A 343 -5.45 -1.19 -11.22
N SER A 344 -5.05 -1.21 -12.49
CA SER A 344 -5.79 -0.48 -13.51
C SER A 344 -7.19 -1.03 -13.70
N ALA A 345 -7.33 -2.35 -13.73
CA ALA A 345 -8.66 -2.92 -13.98
C ALA A 345 -9.54 -2.83 -12.74
N LEU A 346 -8.96 -2.83 -11.54
CA LEU A 346 -9.76 -2.53 -10.35
C LEU A 346 -10.24 -1.10 -10.37
N THR A 347 -9.36 -0.15 -10.74
CA THR A 347 -9.78 1.24 -10.72
C THR A 347 -10.72 1.56 -11.88
N PHE A 348 -10.76 0.73 -12.91
CA PHE A 348 -11.75 0.89 -13.96
C PHE A 348 -13.03 0.13 -13.69
N LEU A 349 -12.99 -0.90 -12.84
CA LEU A 349 -14.19 -1.64 -12.49
C LEU A 349 -14.93 -1.01 -11.32
N LEU A 350 -14.26 -0.21 -10.51
CA LEU A 350 -14.89 0.58 -9.47
C LEU A 350 -15.53 1.86 -9.97
N LEU A 351 -15.29 2.23 -11.22
CA LEU A 351 -15.86 3.47 -11.74
C LEU A 351 -17.37 3.43 -11.67
N THR A 352 -17.97 4.48 -11.13
CA THR A 352 -19.41 4.63 -11.09
C THR A 352 -19.79 5.77 -12.03
N THR A 353 -20.59 5.45 -13.03
CA THR A 353 -20.99 6.40 -14.05
C THR A 353 -22.49 6.34 -14.26
N ASN A 354 -23.07 7.44 -14.71
CA ASN A 354 -24.50 7.51 -14.94
C ASN A 354 -24.90 6.96 -16.30
N ASN A 355 -23.94 6.62 -17.14
CA ASN A 355 -24.24 6.11 -18.47
C ASN A 355 -24.89 4.74 -18.35
N PRO A 356 -26.11 4.56 -18.86
CA PRO A 356 -26.76 3.24 -18.74
C PRO A 356 -26.05 2.13 -19.48
N ALA A 357 -25.24 2.46 -20.49
CA ALA A 357 -24.57 1.44 -21.27
C ALA A 357 -23.44 0.76 -20.52
N ILE A 358 -22.81 1.47 -19.58
CA ILE A 358 -21.72 0.90 -18.79
C ILE A 358 -22.37 0.23 -17.58
N TYR A 359 -22.68 -1.06 -17.72
CA TYR A 359 -23.35 -1.81 -16.67
C TYR A 359 -22.36 -2.83 -16.10
N LYS A 360 -22.11 -2.76 -14.80
CA LYS A 360 -21.19 -3.67 -14.14
C LYS A 360 -21.96 -4.93 -13.76
N LEU A 361 -21.64 -6.03 -14.41
CA LEU A 361 -22.33 -7.28 -14.16
C LEU A 361 -22.05 -7.77 -12.75
N PRO A 362 -23.04 -8.36 -12.09
CA PRO A 362 -22.78 -9.06 -10.84
C PRO A 362 -21.80 -10.21 -11.09
N LEU A 363 -20.89 -10.39 -10.14
CA LEU A 363 -19.86 -11.42 -10.27
C LEU A 363 -20.42 -12.83 -10.34
N SER A 364 -21.65 -13.05 -9.94
CA SER A 364 -22.24 -14.38 -9.95
C SER A 364 -22.72 -14.80 -11.33
N LYS A 365 -22.65 -13.91 -12.32
CA LYS A 365 -23.15 -14.19 -13.66
C LYS A 365 -22.14 -13.76 -14.71
N VAL A 366 -20.89 -14.20 -14.54
CA VAL A 366 -19.80 -13.85 -15.46
C VAL A 366 -19.20 -15.16 -15.95
N THR A 367 -19.46 -15.50 -17.22
CA THR A 367 -18.88 -16.69 -17.84
C THR A 367 -17.96 -16.33 -19.00
N TYR A 368 -18.50 -15.65 -20.01
CA TYR A 368 -17.72 -15.15 -21.14
C TYR A 368 -18.53 -14.07 -21.83
N PRO A 369 -17.88 -13.17 -22.57
CA PRO A 369 -18.58 -11.94 -23.00
C PRO A 369 -19.85 -12.18 -23.80
N GLU A 370 -19.88 -13.21 -24.64
CA GLU A 370 -21.10 -13.47 -25.41
C GLU A 370 -22.24 -13.91 -24.51
N ALA A 371 -21.97 -14.84 -23.59
CA ALA A 371 -23.00 -15.27 -22.65
C ALA A 371 -23.43 -14.11 -21.77
N ASN A 372 -22.48 -13.27 -21.37
CA ASN A 372 -22.81 -12.11 -20.55
C ASN A 372 -23.74 -11.17 -21.29
N ARG A 373 -23.45 -10.91 -22.57
CA ARG A 373 -24.30 -10.04 -23.38
C ARG A 373 -25.69 -10.61 -23.52
N ILE A 374 -25.79 -11.92 -23.80
CA ILE A 374 -27.11 -12.53 -23.96
C ILE A 374 -27.87 -12.48 -22.65
N TYR A 375 -27.18 -12.71 -21.53
CA TYR A 375 -27.82 -12.61 -20.22
C TYR A 375 -28.35 -11.20 -19.98
N TYR A 376 -27.57 -10.20 -20.33
CA TYR A 376 -28.00 -8.82 -20.08
C TYR A 376 -29.20 -8.44 -20.92
N LEU A 377 -29.17 -8.75 -22.22
CA LEU A 377 -30.36 -8.45 -23.03
C LEU A 377 -31.56 -9.29 -22.61
N SER A 378 -31.34 -10.49 -22.08
CA SER A 378 -32.46 -11.29 -21.61
C SER A 378 -33.17 -10.61 -20.45
N GLN A 379 -32.40 -10.01 -19.54
CA GLN A 379 -32.98 -9.27 -18.42
C GLN A 379 -33.10 -7.79 -18.74
N SER B 52 -25.16 30.52 -20.78
CA SER B 52 -24.42 29.90 -21.89
C SER B 52 -23.58 28.72 -21.41
N PRO B 53 -23.63 27.62 -22.16
CA PRO B 53 -22.82 26.45 -21.78
C PRO B 53 -21.34 26.75 -21.67
N VAL B 54 -20.80 27.61 -22.54
CA VAL B 54 -19.38 27.96 -22.46
C VAL B 54 -19.08 28.67 -21.15
N PHE B 55 -19.92 29.64 -20.79
CA PHE B 55 -19.74 30.34 -19.53
C PHE B 55 -19.89 29.41 -18.35
N GLN B 56 -20.83 28.46 -18.42
CA GLN B 56 -21.00 27.50 -17.33
C GLN B 56 -19.76 26.63 -17.18
N PHE B 57 -19.18 26.17 -18.29
CA PHE B 57 -17.97 25.37 -18.20
C PHE B 57 -16.80 26.17 -17.66
N PHE B 58 -16.69 27.44 -18.06
CA PHE B 58 -15.63 28.29 -17.51
C PHE B 58 -15.81 28.49 -16.02
N ASP B 59 -17.05 28.69 -15.58
CA ASP B 59 -17.31 28.81 -14.15
C ASP B 59 -16.92 27.53 -13.42
N TRP B 60 -17.22 26.37 -14.02
CA TRP B 60 -16.83 25.11 -13.42
C TRP B 60 -15.32 25.00 -13.31
N VAL B 61 -14.59 25.43 -14.34
CA VAL B 61 -13.13 25.33 -14.31
C VAL B 61 -12.51 26.28 -13.29
N LEU B 62 -13.00 27.48 -13.13
CA LEU B 62 -12.49 28.35 -12.07
C LEU B 62 -12.71 27.77 -10.69
N ARG B 63 -13.87 27.22 -10.43
CA ARG B 63 -14.17 26.65 -9.16
C ARG B 63 -13.29 25.49 -8.86
N GLY B 64 -12.97 24.75 -9.87
CA GLY B 64 -12.08 23.65 -9.69
C GLY B 64 -10.72 24.05 -9.21
N THR B 65 -10.19 25.13 -9.73
CA THR B 65 -8.90 25.55 -9.32
C THR B 65 -8.96 25.83 -7.88
N SER B 66 -10.00 26.51 -7.45
CA SER B 66 -10.11 26.90 -6.07
C SER B 66 -10.19 25.81 -5.12
N GLN B 67 -10.85 24.72 -5.51
CA GLN B 67 -11.05 23.59 -4.60
C GLN B 67 -9.74 23.00 -4.12
N VAL B 68 -8.63 23.46 -4.68
CA VAL B 68 -7.33 22.96 -4.21
C VAL B 68 -7.00 23.42 -2.79
N MET B 69 -7.35 24.64 -2.45
CA MET B 69 -7.13 25.10 -1.08
C MET B 69 -8.42 25.02 -0.30
N PHE B 70 -9.29 24.07 -0.66
CA PHE B 70 -10.58 23.87 0.02
C PHE B 70 -11.54 25.06 -0.04
N VAL B 71 -11.58 25.73 -1.19
CA VAL B 71 -12.47 26.89 -1.36
C VAL B 71 -13.38 26.69 -2.59
N ASN B 72 -14.61 27.21 -2.56
CA ASN B 72 -15.49 27.11 -3.71
C ASN B 72 -16.00 28.51 -4.04
N ASN B 73 -15.24 29.24 -4.86
CA ASN B 73 -15.59 30.61 -5.22
C ASN B 73 -14.91 31.00 -6.52
N PRO B 74 -15.65 31.42 -7.53
CA PRO B 74 -15.01 31.82 -8.79
C PRO B 74 -14.02 32.96 -8.65
N LEU B 75 -14.21 33.86 -7.71
CA LEU B 75 -13.27 34.93 -7.51
C LEU B 75 -12.02 34.40 -6.93
N SER B 76 -12.12 33.49 -6.02
CA SER B 76 -10.93 32.85 -5.47
C SER B 76 -10.17 32.14 -6.58
N GLY B 77 -10.89 31.46 -7.48
CA GLY B 77 -10.22 30.80 -8.59
C GLY B 77 -9.51 31.76 -9.51
N ILE B 78 -10.13 32.91 -9.81
CA ILE B 78 -9.49 33.85 -10.72
C ILE B 78 -8.27 34.49 -10.06
N LEU B 79 -8.34 34.73 -8.75
CA LEU B 79 -7.16 35.22 -8.05
C LEU B 79 -6.05 34.18 -8.03
N ILE B 80 -6.41 32.90 -7.88
CA ILE B 80 -5.40 31.84 -7.92
C ILE B 80 -4.75 31.78 -9.30
N ILE B 81 -5.54 31.92 -10.35
CA ILE B 81 -4.96 31.95 -11.70
C ILE B 81 -4.05 33.16 -11.88
N LEU B 82 -4.44 34.30 -11.31
CA LEU B 82 -3.57 35.48 -11.38
C LEU B 82 -2.25 35.23 -10.66
N GLY B 83 -2.30 34.59 -9.49
CA GLY B 83 -1.07 34.27 -8.78
C GLY B 83 -0.20 33.31 -9.55
N LEU B 84 -0.80 32.32 -10.19
CA LEU B 84 -0.03 31.40 -11.02
C LEU B 84 0.62 32.12 -12.18
N PHE B 85 -0.09 33.05 -12.81
CA PHE B 85 0.53 33.89 -13.84
C PHE B 85 1.68 34.70 -13.28
N ILE B 86 1.57 35.18 -12.04
CA ILE B 86 2.70 35.86 -11.42
C ILE B 86 3.91 34.94 -11.32
N GLN B 87 3.67 33.69 -10.89
CA GLN B 87 4.79 32.77 -10.70
C GLN B 87 5.42 32.36 -12.03
N ASN B 88 4.68 31.65 -12.87
CA ASN B 88 5.17 31.18 -14.16
C ASN B 88 4.01 31.06 -15.14
N PRO B 89 4.05 31.79 -16.26
CA PRO B 89 3.00 31.60 -17.27
C PRO B 89 2.93 30.19 -17.81
N TRP B 90 4.07 29.52 -17.94
CA TRP B 90 4.09 28.15 -18.45
C TRP B 90 3.40 27.20 -17.49
N TRP B 91 3.73 27.29 -16.20
CA TRP B 91 3.09 26.43 -15.21
C TRP B 91 1.59 26.65 -15.20
N ALA B 92 1.18 27.92 -15.23
CA ALA B 92 -0.25 28.22 -15.19
C ALA B 92 -0.96 27.70 -16.43
N ILE B 93 -0.34 27.81 -17.59
CA ILE B 93 -0.95 27.28 -18.81
C ILE B 93 -1.13 25.78 -18.69
N SER B 94 -0.09 25.09 -18.23
CA SER B 94 -0.19 23.63 -18.09
C SER B 94 -1.28 23.25 -17.10
N GLY B 95 -1.34 23.94 -15.95
CA GLY B 95 -2.33 23.60 -14.95
C GLY B 95 -3.75 23.90 -15.39
N CYS B 96 -3.96 25.04 -16.06
CA CYS B 96 -5.29 25.38 -16.55
C CYS B 96 -5.74 24.39 -17.61
N LEU B 97 -4.83 23.98 -18.50
CA LEU B 97 -5.19 22.96 -19.48
C LEU B 97 -5.50 21.64 -18.78
N GLY B 98 -4.77 21.32 -17.72
CA GLY B 98 -5.04 20.10 -16.98
C GLY B 98 -6.42 20.08 -16.37
N THR B 99 -6.80 21.18 -15.72
CA THR B 99 -8.13 21.22 -15.11
C THR B 99 -9.21 21.25 -16.18
N ILE B 100 -8.96 21.88 -17.33
CA ILE B 100 -9.93 21.88 -18.40
C ILE B 100 -10.19 20.46 -18.87
N MET B 101 -9.11 19.69 -19.12
CA MET B 101 -9.29 18.31 -19.54
C MET B 101 -9.95 17.46 -18.47
N SER B 102 -9.59 17.67 -17.20
CA SER B 102 -10.20 16.88 -16.14
C SER B 102 -11.70 17.11 -16.06
N THR B 103 -12.12 18.37 -16.08
CA THR B 103 -13.55 18.67 -16.05
C THR B 103 -14.25 18.12 -17.28
N LEU B 104 -13.65 18.31 -18.46
CA LEU B 104 -14.29 17.86 -19.68
C LEU B 104 -14.48 16.35 -19.68
N THR B 105 -13.47 15.60 -19.21
CA THR B 105 -13.64 14.15 -19.19
C THR B 105 -14.55 13.71 -18.05
N ALA B 106 -14.71 14.54 -17.03
CA ALA B 106 -15.75 14.28 -16.03
C ALA B 106 -17.13 14.35 -16.67
N LEU B 107 -17.38 15.36 -17.50
CA LEU B 107 -18.63 15.36 -18.26
C LEU B 107 -18.70 14.19 -19.22
N ILE B 108 -17.57 13.82 -19.84
CA ILE B 108 -17.58 12.76 -20.85
C ILE B 108 -18.00 11.43 -20.23
N LEU B 109 -17.41 11.08 -19.09
CA LEU B 109 -17.78 9.81 -18.46
C LEU B 109 -18.94 9.98 -17.50
N SER B 110 -20.00 10.64 -17.99
CA SER B 110 -21.30 10.73 -17.34
C SER B 110 -21.21 10.77 -15.82
N GLN B 111 -20.38 11.66 -15.30
CA GLN B 111 -20.25 11.79 -13.86
C GLN B 111 -21.34 12.70 -13.31
N ASP B 112 -21.38 12.83 -11.99
CA ASP B 112 -22.44 13.56 -11.33
C ASP B 112 -22.36 15.04 -11.67
N LYS B 113 -23.52 15.64 -11.96
CA LYS B 113 -23.53 17.03 -12.40
C LYS B 113 -23.16 17.99 -11.28
N SER B 114 -23.63 17.73 -10.06
CA SER B 114 -23.32 18.62 -8.94
C SER B 114 -21.83 18.64 -8.65
N ALA B 115 -21.18 17.48 -8.69
CA ALA B 115 -19.75 17.42 -8.44
C ALA B 115 -18.97 18.22 -9.46
N ILE B 116 -19.34 18.13 -10.74
CA ILE B 116 -18.67 18.92 -11.76
C ILE B 116 -18.94 20.41 -11.54
N ALA B 117 -20.20 20.77 -11.29
CA ALA B 117 -20.56 22.17 -11.11
C ALA B 117 -19.91 22.79 -9.89
N ALA B 118 -19.54 21.99 -8.90
CA ALA B 118 -18.87 22.49 -7.71
C ALA B 118 -17.37 22.32 -7.78
N GLY B 119 -16.83 21.83 -8.89
CA GLY B 119 -15.41 21.73 -9.06
C GLY B 119 -14.75 20.53 -8.39
N PHE B 120 -15.45 19.48 -8.06
CA PHE B 120 -14.80 18.41 -7.39
C PHE B 120 -14.16 17.50 -8.38
N HIS B 121 -14.11 17.88 -9.63
CA HIS B 121 -13.47 17.07 -10.66
C HIS B 121 -12.47 17.86 -11.48
N GLY B 122 -12.07 19.04 -11.01
CA GLY B 122 -11.10 19.83 -11.74
C GLY B 122 -9.93 20.24 -10.89
N TYR B 123 -10.02 20.02 -9.57
CA TYR B 123 -8.93 20.36 -8.66
C TYR B 123 -7.75 19.40 -8.77
N ASN B 124 -8.02 18.14 -9.06
CA ASN B 124 -6.93 17.21 -9.27
C ASN B 124 -6.18 17.49 -10.57
N GLY B 125 -6.90 17.90 -11.61
CA GLY B 125 -6.25 18.12 -12.89
C GLY B 125 -5.31 19.32 -12.90
N VAL B 126 -5.70 20.41 -12.22
CA VAL B 126 -4.87 21.60 -12.22
C VAL B 126 -3.55 21.31 -11.52
N LEU B 127 -3.60 20.58 -10.41
CA LEU B 127 -2.37 20.17 -9.75
C LEU B 127 -1.55 19.26 -10.63
N VAL B 128 -2.21 18.36 -11.37
CA VAL B 128 -1.48 17.48 -12.28
C VAL B 128 -0.70 18.30 -13.29
N GLY B 129 -1.35 19.25 -13.94
CA GLY B 129 -0.65 20.09 -14.91
C GLY B 129 0.47 20.88 -14.27
N LEU B 130 0.22 21.46 -13.10
CA LEU B 130 1.23 22.27 -12.45
C LEU B 130 2.48 21.45 -12.12
N LEU B 131 2.31 20.24 -11.59
CA LEU B 131 3.49 19.46 -11.24
C LEU B 131 4.04 18.63 -12.39
N MET B 132 3.35 18.57 -13.53
CA MET B 132 4.05 18.23 -14.76
C MET B 132 5.03 19.33 -15.11
N ALA B 133 4.59 20.58 -15.02
CA ALA B 133 5.43 21.71 -15.39
C ALA B 133 6.52 22.01 -14.37
N VAL B 134 6.36 21.55 -13.12
CA VAL B 134 7.40 21.78 -12.12
C VAL B 134 8.48 20.70 -12.19
N PHE B 135 8.07 19.43 -12.25
CA PHE B 135 9.03 18.34 -12.33
C PHE B 135 9.28 17.94 -13.79
N SER B 136 9.75 18.91 -14.57
CA SER B 136 10.17 18.68 -15.94
C SER B 136 11.58 19.22 -16.11
N ASP B 137 12.47 18.38 -16.63
CA ASP B 137 13.86 18.76 -16.83
C ASP B 137 14.11 19.44 -18.18
N LYS B 138 13.10 19.55 -19.03
CA LYS B 138 13.29 20.11 -20.35
C LYS B 138 13.18 21.63 -20.37
N GLY B 139 12.91 22.26 -19.24
CA GLY B 139 12.82 23.71 -19.18
C GLY B 139 11.43 24.20 -19.53
N ASP B 140 11.23 25.49 -19.25
CA ASP B 140 9.92 26.09 -19.44
C ASP B 140 9.59 26.20 -20.92
N TYR B 141 8.30 26.24 -21.22
CA TYR B 141 7.79 26.35 -22.59
C TYR B 141 8.28 25.19 -23.45
N TYR B 142 8.16 23.98 -22.92
CA TYR B 142 8.39 22.74 -23.65
C TYR B 142 7.03 22.18 -24.01
N TRP B 143 6.58 22.47 -25.24
CA TRP B 143 5.19 22.27 -25.60
C TRP B 143 4.81 20.80 -25.67
N TRP B 144 5.77 19.91 -25.83
CA TRP B 144 5.43 18.49 -25.90
C TRP B 144 4.93 17.96 -24.57
N LEU B 145 5.18 18.69 -23.49
CA LEU B 145 4.73 18.25 -22.18
C LEU B 145 3.22 18.31 -22.03
N LEU B 146 2.54 18.99 -22.96
CA LEU B 146 1.08 19.11 -22.85
C LEU B 146 0.40 17.77 -23.05
N LEU B 147 0.95 16.90 -23.89
CA LEU B 147 0.30 15.62 -24.15
C LEU B 147 0.20 14.73 -22.92
N PRO B 148 1.27 14.53 -22.12
CA PRO B 148 1.08 13.82 -20.85
C PRO B 148 0.09 14.50 -19.94
N VAL B 149 0.03 15.83 -19.98
CA VAL B 149 -0.98 16.55 -19.22
C VAL B 149 -2.37 16.15 -19.67
N ILE B 150 -2.59 16.10 -20.99
CA ILE B 150 -3.86 15.61 -21.54
C ILE B 150 -4.20 14.25 -20.94
N ILE B 151 -3.30 13.29 -21.11
CA ILE B 151 -3.61 11.91 -20.76
C ILE B 151 -3.91 11.79 -19.27
N MET B 152 -3.06 12.38 -18.44
CA MET B 152 -3.19 12.18 -17.00
C MET B 152 -4.36 12.97 -16.44
N SER B 153 -4.65 14.14 -16.99
CA SER B 153 -5.82 14.88 -16.58
C SER B 153 -7.09 14.12 -16.93
N MET B 154 -7.12 13.47 -18.11
CA MET B 154 -8.27 12.62 -18.40
C MET B 154 -8.34 11.43 -17.46
N SER B 155 -7.19 10.95 -16.99
CA SER B 155 -7.17 9.82 -16.07
C SER B 155 -7.60 10.17 -14.65
N CYS B 156 -7.52 11.45 -14.26
CA CYS B 156 -7.83 11.81 -12.88
C CYS B 156 -9.26 11.47 -12.46
N PRO B 157 -10.31 11.85 -13.20
CA PRO B 157 -11.67 11.54 -12.71
C PRO B 157 -11.96 10.05 -12.56
N ILE B 158 -11.31 9.20 -13.35
CA ILE B 158 -11.51 7.76 -13.19
C ILE B 158 -11.10 7.33 -11.80
N LEU B 159 -9.92 7.76 -11.36
CA LEU B 159 -9.48 7.47 -10.01
C LEU B 159 -10.36 8.16 -8.99
N SER B 160 -10.77 9.40 -9.26
CA SER B 160 -11.63 10.12 -8.33
C SER B 160 -12.96 9.44 -8.11
N SER B 161 -13.44 8.69 -9.10
CA SER B 161 -14.68 7.95 -8.94
C SER B 161 -14.46 6.58 -8.31
N ALA B 162 -13.39 5.89 -8.72
CA ALA B 162 -13.11 4.58 -8.14
C ALA B 162 -12.81 4.69 -6.65
N LEU B 163 -11.93 5.61 -6.27
CA LEU B 163 -11.62 5.81 -4.87
C LEU B 163 -12.80 6.42 -4.12
N GLY B 164 -13.64 7.20 -4.82
CA GLY B 164 -14.88 7.65 -4.21
C GLY B 164 -15.81 6.51 -3.86
N THR B 165 -15.86 5.47 -4.69
CA THR B 165 -16.63 4.29 -4.37
C THR B 165 -16.00 3.49 -3.23
N ILE B 166 -14.68 3.40 -3.19
CA ILE B 166 -14.03 2.72 -2.08
C ILE B 166 -14.30 3.44 -0.77
N PHE B 167 -14.07 4.77 -0.74
CA PHE B 167 -14.21 5.57 0.46
C PHE B 167 -15.64 6.00 0.74
N SER B 168 -16.62 5.43 0.04
CA SER B 168 -18.01 5.77 0.28
C SER B 168 -18.58 5.05 1.49
N LYS B 169 -18.09 3.85 1.80
CA LYS B 169 -18.62 3.10 2.92
C LYS B 169 -18.36 3.81 4.23
N TRP B 170 -17.14 4.31 4.42
CA TRP B 170 -16.77 5.01 5.64
C TRP B 170 -17.03 6.50 5.56
N ASP B 171 -17.60 6.99 4.49
CA ASP B 171 -17.84 8.44 4.28
C ASP B 171 -16.65 9.33 4.42
N LEU B 172 -15.63 9.07 3.59
CA LEU B 172 -14.44 9.88 3.57
C LEU B 172 -14.25 10.45 2.18
N PRO B 173 -13.68 11.66 2.08
CA PRO B 173 -13.39 12.23 0.77
C PRO B 173 -12.20 11.56 0.09
N VAL B 174 -12.18 11.57 -1.23
CA VAL B 174 -11.04 11.02 -1.97
C VAL B 174 -9.80 11.85 -1.74
N PHE B 175 -9.97 13.11 -1.33
CA PHE B 175 -8.85 14.02 -1.15
C PHE B 175 -8.08 14.24 -2.45
N THR B 176 -6.76 14.19 -2.37
CA THR B 176 -5.95 14.39 -3.56
C THR B 176 -5.40 13.07 -4.04
N LEU B 177 -5.93 11.97 -3.53
CA LEU B 177 -5.41 10.66 -3.88
C LEU B 177 -5.46 10.35 -5.38
N PRO B 178 -6.55 10.76 -6.08
CA PRO B 178 -6.49 10.50 -7.51
C PRO B 178 -5.31 11.24 -8.14
N PHE B 179 -5.07 12.48 -7.74
CA PHE B 179 -3.92 13.22 -8.24
C PHE B 179 -2.59 12.55 -7.86
N ASN B 180 -2.42 12.22 -6.59
CA ASN B 180 -1.19 11.58 -6.13
C ASN B 180 -0.88 10.34 -6.95
N ILE B 181 -1.87 9.49 -7.16
CA ILE B 181 -1.67 8.29 -7.95
C ILE B 181 -1.28 8.65 -9.37
N THR B 182 -1.95 9.64 -9.96
CA THR B 182 -1.69 9.98 -11.36
C THR B 182 -0.29 10.55 -11.54
N VAL B 183 0.10 11.50 -10.68
CA VAL B 183 1.40 12.15 -10.85
C VAL B 183 2.53 11.22 -10.45
N THR B 184 2.31 10.36 -9.45
CA THR B 184 3.32 9.36 -9.13
C THR B 184 3.48 8.39 -10.29
N LEU B 185 2.38 8.01 -10.92
CA LEU B 185 2.46 7.15 -12.11
C LEU B 185 3.27 7.82 -13.20
N TYR B 186 3.03 9.11 -13.45
CA TYR B 186 3.78 9.81 -14.47
C TYR B 186 5.27 9.88 -14.13
N LEU B 187 5.59 10.37 -12.94
CA LEU B 187 6.97 10.60 -12.56
C LEU B 187 7.74 9.32 -12.33
N ALA B 188 7.04 8.20 -12.18
CA ALA B 188 7.73 6.91 -12.10
C ALA B 188 7.87 6.27 -13.48
N ALA B 189 6.85 6.39 -14.32
CA ALA B 189 6.93 5.85 -15.67
C ALA B 189 8.02 6.54 -16.47
N THR B 190 8.18 7.85 -16.29
CA THR B 190 9.22 8.54 -17.03
C THR B 190 10.55 8.54 -16.27
N GLY B 191 10.61 9.19 -15.13
CA GLY B 191 11.85 9.33 -14.41
C GLY B 191 12.78 10.32 -15.09
N HIS B 192 14.02 10.35 -14.61
CA HIS B 192 15.00 11.33 -15.06
C HIS B 192 15.64 10.95 -16.39
N TYR B 193 15.38 9.75 -16.90
CA TYR B 193 16.17 9.21 -17.99
C TYR B 193 15.32 8.85 -19.21
N ASN B 194 14.44 9.75 -19.65
CA ASN B 194 13.72 9.55 -20.90
C ASN B 194 14.43 10.27 -22.03
N LEU B 195 13.92 10.06 -23.24
CA LEU B 195 14.28 10.90 -24.36
C LEU B 195 13.19 11.90 -24.72
N PHE B 196 12.01 11.75 -24.12
CA PHE B 196 10.86 12.61 -24.42
C PHE B 196 10.45 13.49 -23.24
N PHE B 197 10.18 12.90 -22.08
CA PHE B 197 9.64 13.62 -20.93
C PHE B 197 10.44 13.31 -19.68
N PRO B 198 11.68 13.80 -19.59
CA PRO B 198 12.47 13.55 -18.38
C PRO B 198 12.00 14.42 -17.23
N THR B 199 12.37 14.00 -16.02
CA THR B 199 11.97 14.68 -14.81
C THR B 199 13.20 15.08 -14.00
N THR B 200 12.99 15.97 -13.04
CA THR B 200 14.08 16.42 -12.18
C THR B 200 14.57 15.27 -11.31
N LEU B 201 15.88 15.20 -11.14
CA LEU B 201 16.49 14.11 -10.39
C LEU B 201 16.32 14.37 -8.90
N LEU B 202 15.68 13.41 -8.20
CA LEU B 202 15.56 13.44 -6.76
C LEU B 202 16.36 12.29 -6.18
N GLN B 203 17.21 12.59 -5.21
CA GLN B 203 18.12 11.59 -4.68
C GLN B 203 18.02 11.52 -3.16
N PRO B 204 18.25 10.35 -2.56
CA PRO B 204 18.23 10.25 -1.10
C PRO B 204 19.45 10.90 -0.47
N ALA B 205 19.30 11.24 0.81
CA ALA B 205 20.42 11.80 1.55
C ALA B 205 21.50 10.74 1.75
N SER B 206 22.74 11.11 1.43
CA SER B 206 23.86 10.21 1.57
C SER B 206 24.98 10.79 2.43
N ALA B 207 24.79 11.97 3.01
CA ALA B 207 25.77 12.58 3.87
C ALA B 207 25.06 13.36 4.96
N MET B 208 25.74 13.54 6.08
CA MET B 208 25.14 14.25 7.20
C MET B 208 25.03 15.73 6.87
N PRO B 209 23.82 16.30 6.89
CA PRO B 209 23.68 17.72 6.54
C PRO B 209 24.39 18.62 7.52
N ASN B 210 24.87 19.74 7.00
CA ASN B 210 25.54 20.76 7.80
C ASN B 210 24.56 21.89 8.07
N ILE B 211 24.05 21.96 9.29
CA ILE B 211 23.11 22.99 9.70
C ILE B 211 23.77 23.84 10.76
N THR B 212 23.88 25.14 10.50
CA THR B 212 24.47 26.10 11.43
C THR B 212 23.33 26.97 11.94
N TRP B 213 22.84 26.65 13.14
CA TRP B 213 21.68 27.35 13.68
C TRP B 213 21.95 28.81 14.00
N SER B 214 23.21 29.23 14.04
CA SER B 214 23.54 30.62 14.32
C SER B 214 23.38 31.51 13.10
N GLU B 215 23.12 30.95 11.93
CA GLU B 215 22.92 31.70 10.71
C GLU B 215 21.56 31.40 10.06
N VAL B 216 20.56 31.12 10.88
CA VAL B 216 19.20 30.96 10.37
C VAL B 216 18.60 32.33 10.09
N GLN B 217 17.97 32.46 8.92
CA GLN B 217 17.31 33.71 8.53
C GLN B 217 15.89 33.67 9.07
N VAL B 218 15.68 34.30 10.24
CA VAL B 218 14.34 34.37 10.81
C VAL B 218 13.36 35.09 9.89
N PRO B 219 13.71 36.22 9.25
CA PRO B 219 12.75 36.81 8.29
C PRO B 219 12.34 35.85 7.18
N LEU B 220 13.29 35.11 6.59
CA LEU B 220 12.93 34.13 5.59
C LEU B 220 12.15 32.98 6.21
N LEU B 221 12.46 32.64 7.47
CA LEU B 221 11.71 31.60 8.15
C LEU B 221 10.25 31.99 8.29
N LEU B 222 9.98 33.25 8.63
CA LEU B 222 8.60 33.72 8.70
C LEU B 222 7.99 33.84 7.32
N ARG B 223 8.80 34.15 6.31
CA ARG B 223 8.33 34.16 4.94
C ARG B 223 7.91 32.76 4.48
N ALA B 224 8.34 31.72 5.20
CA ALA B 224 7.93 30.37 4.84
C ALA B 224 6.44 30.15 4.99
N ILE B 225 5.71 31.04 5.66
CA ILE B 225 4.27 30.88 5.81
C ILE B 225 3.54 31.19 4.51
N PRO B 226 3.68 32.40 3.93
CA PRO B 226 3.04 32.61 2.62
C PRO B 226 3.59 31.71 1.53
N VAL B 227 4.88 31.39 1.58
CA VAL B 227 5.44 30.47 0.59
C VAL B 227 4.83 29.08 0.78
N GLY B 228 4.61 28.67 2.02
CA GLY B 228 3.94 27.41 2.27
C GLY B 228 2.53 27.40 1.73
N ILE B 229 1.80 28.49 1.77
CA ILE B 229 0.46 28.41 1.21
C ILE B 229 0.48 28.42 -0.29
N GLY B 230 1.64 28.51 -0.89
CA GLY B 230 1.72 28.62 -2.31
C GLY B 230 2.34 27.42 -2.91
N GLN B 231 2.80 26.52 -2.05
CA GLN B 231 3.36 25.28 -2.53
C GLN B 231 2.24 24.28 -2.60
N VAL B 232 1.01 24.73 -2.38
CA VAL B 232 -0.10 23.81 -2.54
C VAL B 232 -0.18 23.66 -4.05
N TYR B 233 0.20 24.71 -4.77
CA TYR B 233 0.20 24.65 -6.23
C TYR B 233 1.59 24.41 -6.81
N GLY B 234 2.59 24.27 -5.95
CA GLY B 234 3.96 24.07 -6.42
C GLY B 234 4.69 25.36 -6.76
N CYS B 235 4.06 26.50 -6.50
CA CYS B 235 4.69 27.79 -6.78
C CYS B 235 5.56 28.20 -5.61
N ASP B 236 6.53 29.08 -5.82
CA ASP B 236 7.45 29.42 -4.74
C ASP B 236 7.53 30.92 -4.47
N ASN B 237 6.83 31.72 -5.23
CA ASN B 237 6.89 33.16 -5.05
C ASN B 237 6.15 33.55 -3.78
N PRO B 238 6.71 34.41 -2.93
CA PRO B 238 5.93 34.90 -1.77
C PRO B 238 4.65 35.61 -2.17
N TRP B 239 4.68 36.35 -3.29
CA TRP B 239 3.51 37.15 -3.63
C TRP B 239 2.37 36.29 -4.14
N THR B 240 2.66 35.18 -4.83
CA THR B 240 1.59 34.27 -5.17
C THR B 240 1.00 33.62 -3.92
N GLY B 241 1.82 33.43 -2.89
CA GLY B 241 1.30 32.98 -1.62
C GLY B 241 0.35 33.99 -1.00
N GLY B 242 0.73 35.28 -1.03
CA GLY B 242 -0.16 36.30 -0.52
C GLY B 242 -1.46 36.38 -1.30
N ILE B 243 -1.39 36.22 -2.62
CA ILE B 243 -2.59 36.22 -3.44
C ILE B 243 -3.47 35.04 -3.05
N PHE B 244 -2.87 33.90 -2.75
CA PHE B 244 -3.65 32.76 -2.27
C PHE B 244 -4.29 33.07 -0.93
N LEU B 245 -3.57 33.74 -0.03
CA LEU B 245 -4.19 34.14 1.25
C LEU B 245 -5.42 34.99 1.00
N ILE B 246 -5.31 35.97 0.10
CA ILE B 246 -6.44 36.85 -0.17
C ILE B 246 -7.60 36.06 -0.78
N ALA B 247 -7.30 35.13 -1.69
CA ALA B 247 -8.34 34.34 -2.32
C ALA B 247 -9.05 33.45 -1.32
N LEU B 248 -8.32 32.89 -0.36
CA LEU B 248 -8.96 32.13 0.71
C LEU B 248 -9.79 33.03 1.62
N PHE B 249 -9.29 34.23 1.91
CA PHE B 249 -10.01 35.09 2.84
C PHE B 249 -11.32 35.58 2.25
N ILE B 250 -11.36 35.85 0.94
CA ILE B 250 -12.59 36.41 0.38
C ILE B 250 -13.73 35.42 0.48
N SER B 251 -13.44 34.14 0.64
CA SER B 251 -14.49 33.13 0.80
C SER B 251 -14.78 32.82 2.26
N SER B 252 -13.77 32.35 3.00
CA SER B 252 -13.96 32.04 4.41
C SER B 252 -12.72 32.43 5.21
N PRO B 253 -12.84 33.40 6.12
CA PRO B 253 -11.67 33.79 6.92
C PRO B 253 -11.10 32.66 7.74
N LEU B 254 -11.94 31.73 8.20
CA LEU B 254 -11.44 30.65 9.03
C LEU B 254 -10.55 29.70 8.24
N ILE B 255 -10.85 29.51 6.95
CA ILE B 255 -9.95 28.74 6.09
C ILE B 255 -8.58 29.40 6.03
N CYS B 256 -8.55 30.72 5.89
CA CYS B 256 -7.30 31.45 5.88
C CYS B 256 -6.53 31.28 7.18
N LEU B 257 -7.24 31.39 8.31
CA LEU B 257 -6.58 31.28 9.60
C LEU B 257 -5.98 29.89 9.77
N HIS B 258 -6.74 28.86 9.41
CA HIS B 258 -6.23 27.49 9.55
C HIS B 258 -5.07 27.24 8.60
N ALA B 259 -5.13 27.79 7.40
CA ALA B 259 -4.04 27.63 6.46
C ALA B 259 -2.75 28.27 6.98
N ALA B 260 -2.85 29.49 7.51
CA ALA B 260 -1.67 30.16 8.03
C ALA B 260 -1.10 29.42 9.24
N ILE B 261 -1.97 29.00 10.17
CA ILE B 261 -1.49 28.31 11.36
C ILE B 261 -0.91 26.96 10.98
N GLY B 262 -1.47 26.29 9.99
CA GLY B 262 -0.91 25.02 9.55
C GLY B 262 0.44 25.18 8.87
N SER B 263 0.60 26.22 8.05
CA SER B 263 1.91 26.46 7.44
C SER B 263 2.96 26.75 8.49
N THR B 264 2.62 27.61 9.46
CA THR B 264 3.56 27.89 10.54
C THR B 264 3.90 26.62 11.30
N MET B 265 2.89 25.77 11.52
CA MET B 265 3.10 24.57 12.31
C MET B 265 3.94 23.54 11.55
N GLY B 266 3.76 23.47 10.24
CA GLY B 266 4.60 22.60 9.43
C GLY B 266 6.03 23.07 9.39
N MET B 267 6.24 24.38 9.30
CA MET B 267 7.56 24.95 9.50
C MET B 267 8.18 24.47 10.81
N LEU B 268 7.48 24.72 11.92
CA LEU B 268 8.04 24.42 13.23
C LEU B 268 8.33 22.93 13.39
N ALA B 269 7.44 22.08 12.90
CA ALA B 269 7.69 20.65 12.93
C ALA B 269 8.87 20.25 12.07
N ALA B 270 9.13 20.97 10.98
CA ALA B 270 10.33 20.70 10.20
C ALA B 270 11.60 21.08 10.94
N LEU B 271 11.58 22.18 11.69
CA LEU B 271 12.78 22.55 12.46
C LEU B 271 13.11 21.59 13.59
N THR B 272 12.19 20.71 13.97
CA THR B 272 12.42 19.79 15.08
C THR B 272 13.11 18.50 14.68
N ILE B 273 13.38 18.29 13.39
CA ILE B 273 14.06 17.09 12.94
C ILE B 273 15.27 17.47 12.09
N ALA B 274 15.74 18.70 12.27
CA ALA B 274 16.93 19.22 11.57
C ALA B 274 16.77 19.11 10.05
N THR B 275 15.61 19.55 9.56
CA THR B 275 15.43 19.66 8.12
C THR B 275 16.28 20.81 7.59
N PRO B 276 16.96 20.62 6.47
CA PRO B 276 17.83 21.69 5.95
C PRO B 276 17.04 22.97 5.70
N PHE B 277 17.70 24.10 5.98
CA PHE B 277 17.00 25.38 5.98
C PHE B 277 16.49 25.77 4.62
N ASP B 278 17.16 25.32 3.54
CA ASP B 278 16.74 25.70 2.20
C ASP B 278 15.34 25.19 1.90
N SER B 279 14.97 24.02 2.33
CA SER B 279 13.67 23.52 2.03
C SER B 279 12.60 24.25 2.76
N ILE B 280 12.78 24.53 4.02
CA ILE B 280 11.76 25.15 4.80
C ILE B 280 11.47 26.49 4.18
N TYR B 281 12.47 27.21 3.71
CA TYR B 281 12.23 28.50 3.15
C TYR B 281 11.33 28.40 1.92
N PHE B 282 11.50 27.40 1.07
CA PHE B 282 10.63 27.13 -0.08
C PHE B 282 9.28 26.60 0.26
N GLY B 283 9.13 26.00 1.41
CA GLY B 283 7.88 25.51 1.86
C GLY B 283 7.65 24.08 1.62
N LEU B 284 8.64 23.43 1.10
CA LEU B 284 8.48 22.08 0.77
C LEU B 284 8.11 21.44 2.10
N CYS B 285 8.41 22.07 3.25
CA CYS B 285 7.88 21.53 4.49
C CYS B 285 6.44 21.97 4.83
N GLY B 286 6.13 23.24 4.59
CA GLY B 286 4.83 23.77 4.96
C GLY B 286 3.51 23.31 4.36
N PHE B 287 3.47 23.01 3.06
CA PHE B 287 2.18 22.71 2.41
C PHE B 287 1.32 21.49 2.85
N ASN B 288 1.93 20.35 3.15
CA ASN B 288 1.14 19.19 3.57
C ASN B 288 0.41 19.53 4.84
N SER B 289 0.87 20.53 5.56
CA SER B 289 0.29 20.93 6.83
C SER B 289 -0.86 21.89 6.62
N THR B 290 -0.75 22.79 5.63
CA THR B 290 -1.84 23.72 5.36
C THR B 290 -3.11 22.98 4.99
N LEU B 291 -3.00 22.05 4.04
CA LEU B 291 -4.18 21.32 3.60
C LEU B 291 -4.76 20.48 4.73
N ALA B 292 -3.90 19.85 5.53
CA ALA B 292 -4.39 19.05 6.64
C ALA B 292 -5.12 19.91 7.66
N CYS B 293 -4.57 21.09 7.97
CA CYS B 293 -5.20 21.97 8.95
C CYS B 293 -6.55 22.47 8.44
N ILE B 294 -6.61 22.86 7.16
CA ILE B 294 -7.89 23.30 6.60
C ILE B 294 -8.89 22.15 6.62
N ALA B 295 -8.41 20.93 6.38
CA ALA B 295 -9.30 19.78 6.38
C ALA B 295 -9.92 19.54 7.75
N ILE B 296 -9.09 19.49 8.78
CA ILE B 296 -9.61 19.07 10.08
C ILE B 296 -10.23 20.22 10.87
N GLY B 297 -9.83 21.46 10.60
CA GLY B 297 -10.37 22.58 11.35
C GLY B 297 -11.87 22.76 11.19
N GLY B 298 -12.31 23.13 9.99
CA GLY B 298 -13.71 23.46 9.80
C GLY B 298 -14.34 22.89 8.55
N MET B 299 -13.55 22.24 7.71
CA MET B 299 -14.12 21.70 6.49
C MET B 299 -14.90 20.41 6.72
N PHE B 300 -14.28 19.41 7.35
CA PHE B 300 -14.92 18.11 7.48
C PHE B 300 -15.30 17.80 8.91
N TYR B 301 -15.13 18.76 9.81
CA TYR B 301 -15.62 18.70 11.17
C TYR B 301 -16.39 19.99 11.41
N VAL B 302 -16.99 20.10 12.59
CA VAL B 302 -17.53 21.38 13.03
C VAL B 302 -16.45 22.11 13.82
N ILE B 303 -16.27 23.39 13.53
CA ILE B 303 -15.21 24.14 14.19
C ILE B 303 -15.52 24.33 15.67
N THR B 304 -14.67 23.74 16.51
CA THR B 304 -14.64 23.97 17.94
C THR B 304 -13.18 24.03 18.36
N TRP B 305 -12.95 24.45 19.60
CA TRP B 305 -11.57 24.52 20.09
C TRP B 305 -10.94 23.13 20.12
N GLN B 306 -11.70 22.11 20.51
CA GLN B 306 -11.19 20.76 20.46
C GLN B 306 -10.82 20.37 19.04
N THR B 307 -11.67 20.72 18.08
CA THR B 307 -11.40 20.40 16.70
C THR B 307 -10.25 21.24 16.16
N HIS B 308 -10.09 22.47 16.67
CA HIS B 308 -8.92 23.27 16.30
C HIS B 308 -7.63 22.60 16.76
N LEU B 309 -7.61 22.12 17.99
CA LEU B 309 -6.42 21.41 18.47
C LEU B 309 -6.19 20.13 17.69
N LEU B 310 -7.27 19.43 17.33
CA LEU B 310 -7.11 18.24 16.50
C LEU B 310 -6.57 18.58 15.12
N ALA B 311 -6.97 19.71 14.56
CA ALA B 311 -6.41 20.15 13.28
C ALA B 311 -4.92 20.47 13.41
N ILE B 312 -4.53 21.09 14.53
CA ILE B 312 -3.10 21.33 14.75
C ILE B 312 -2.34 20.01 14.86
N ALA B 313 -2.92 19.04 15.57
CA ALA B 313 -2.28 17.73 15.67
C ALA B 313 -2.16 17.06 14.32
N CYS B 314 -3.20 17.20 13.48
CA CYS B 314 -3.13 16.66 12.13
C CYS B 314 -2.06 17.37 11.32
N ALA B 315 -1.87 18.67 11.55
CA ALA B 315 -0.80 19.39 10.89
C ALA B 315 0.57 18.85 11.29
N LEU B 316 0.77 18.58 12.58
CA LEU B 316 2.02 17.98 13.02
C LEU B 316 2.23 16.62 12.36
N PHE B 317 1.19 15.79 12.36
CA PHE B 317 1.31 14.46 11.77
C PHE B 317 1.60 14.55 10.29
N ALA B 318 0.97 15.51 9.61
CA ALA B 318 1.22 15.70 8.18
C ALA B 318 2.64 16.15 7.92
N ALA B 319 3.19 17.01 8.78
CA ALA B 319 4.57 17.45 8.59
C ALA B 319 5.56 16.31 8.79
N TYR B 320 5.40 15.56 9.87
CA TYR B 320 6.32 14.45 10.11
C TYR B 320 6.18 13.35 9.06
N LEU B 321 4.95 13.07 8.63
CA LEU B 321 4.76 12.11 7.56
C LEU B 321 5.28 12.67 6.24
N GLY B 322 5.30 13.99 6.08
CA GLY B 322 5.93 14.59 4.93
C GLY B 322 7.41 14.32 4.90
N ALA B 323 8.07 14.49 6.03
CA ALA B 323 9.49 14.14 6.11
C ALA B 323 9.69 12.66 5.82
N ALA B 324 8.86 11.80 6.41
CA ALA B 324 9.04 10.36 6.24
C ALA B 324 8.87 9.95 4.78
N LEU B 325 7.81 10.42 4.14
CA LEU B 325 7.56 10.02 2.76
C LEU B 325 8.51 10.70 1.79
N ALA B 326 9.01 11.89 2.14
CA ALA B 326 10.05 12.51 1.34
C ALA B 326 11.38 11.79 1.40
N ASN B 327 11.66 11.12 2.52
CA ASN B 327 12.86 10.30 2.57
C ASN B 327 12.64 8.89 2.01
N MET B 328 11.42 8.37 2.04
CA MET B 328 11.18 7.06 1.45
C MET B 328 11.03 7.14 -0.06
N LEU B 329 10.11 7.97 -0.54
CA LEU B 329 9.82 8.07 -1.97
C LEU B 329 10.98 8.63 -2.76
N SER B 330 12.00 9.19 -2.10
CA SER B 330 13.12 9.75 -2.82
C SER B 330 13.99 8.67 -3.47
N VAL B 331 13.99 7.47 -2.92
CA VAL B 331 14.80 6.40 -3.51
C VAL B 331 14.26 6.04 -4.89
N PHE B 332 12.94 6.11 -5.08
CA PHE B 332 12.36 5.90 -6.39
C PHE B 332 12.61 7.05 -7.34
N GLY B 333 13.06 8.19 -6.83
CA GLY B 333 13.10 9.40 -7.63
C GLY B 333 11.80 10.16 -7.66
N LEU B 334 10.97 10.00 -6.63
CA LEU B 334 9.64 10.59 -6.59
C LEU B 334 9.54 11.58 -5.43
N PRO B 335 8.74 12.63 -5.57
CA PRO B 335 8.55 13.59 -4.49
C PRO B 335 7.35 13.21 -3.64
N PRO B 336 7.26 13.73 -2.41
CA PRO B 336 6.10 13.45 -1.54
C PRO B 336 4.93 14.38 -1.84
N CYS B 337 4.45 14.33 -3.07
CA CYS B 337 3.51 15.32 -3.58
C CYS B 337 2.13 15.08 -2.96
N THR B 338 1.92 15.67 -1.79
CA THR B 338 0.62 15.72 -1.13
C THR B 338 0.10 14.32 -0.77
N TRP B 339 1.00 13.35 -0.63
CA TRP B 339 0.65 12.08 -0.02
C TRP B 339 0.46 12.23 1.49
N PRO B 340 1.37 12.90 2.21
CA PRO B 340 1.20 13.01 3.66
C PRO B 340 -0.08 13.70 4.08
N PHE B 341 -0.51 14.73 3.35
CA PHE B 341 -1.79 15.35 3.66
C PHE B 341 -2.91 14.33 3.57
N CYS B 342 -2.95 13.58 2.47
CA CYS B 342 -4.00 12.59 2.30
C CYS B 342 -4.01 11.61 3.45
N LEU B 343 -2.87 11.00 3.75
CA LEU B 343 -2.84 9.95 4.75
C LEU B 343 -3.15 10.49 6.14
N SER B 344 -2.53 11.62 6.50
CA SER B 344 -2.75 12.16 7.84
C SER B 344 -4.19 12.61 8.04
N ALA B 345 -4.77 13.27 7.04
CA ALA B 345 -6.12 13.78 7.23
C ALA B 345 -7.15 12.66 7.12
N LEU B 346 -6.87 11.61 6.36
CA LEU B 346 -7.74 10.43 6.41
C LEU B 346 -7.67 9.75 7.77
N THR B 347 -6.47 9.61 8.33
CA THR B 347 -6.37 8.94 9.62
C THR B 347 -6.88 9.81 10.76
N PHE B 348 -6.99 11.12 10.55
CA PHE B 348 -7.64 11.98 11.53
C PHE B 348 -9.13 12.12 11.32
N LEU B 349 -9.62 11.88 10.11
CA LEU B 349 -11.05 11.93 9.84
C LEU B 349 -11.75 10.61 10.14
N LEU B 350 -11.01 9.50 10.17
CA LEU B 350 -11.53 8.22 10.60
C LEU B 350 -11.58 8.06 12.11
N LEU B 351 -10.97 8.96 12.85
CA LEU B 351 -10.94 8.84 14.30
C LEU B 351 -12.37 8.83 14.85
N THR B 352 -12.65 7.85 15.70
CA THR B 352 -13.93 7.76 16.40
C THR B 352 -13.69 8.04 17.86
N THR B 353 -14.33 9.08 18.37
CA THR B 353 -14.15 9.53 19.74
C THR B 353 -15.50 9.76 20.38
N ASN B 354 -15.56 9.62 21.70
CA ASN B 354 -16.79 9.82 22.43
C ASN B 354 -17.08 11.28 22.73
N ASN B 355 -16.15 12.17 22.44
CA ASN B 355 -16.32 13.58 22.73
C ASN B 355 -17.43 14.15 21.84
N PRO B 356 -18.50 14.69 22.40
CA PRO B 356 -19.58 15.23 21.56
C PRO B 356 -19.15 16.40 20.70
N ALA B 357 -18.10 17.12 21.08
CA ALA B 357 -17.69 18.29 20.33
C ALA B 357 -17.04 17.94 19.00
N ILE B 358 -16.40 16.77 18.89
CA ILE B 358 -15.77 16.34 17.66
C ILE B 358 -16.84 15.61 16.86
N TYR B 359 -17.55 16.35 16.01
CA TYR B 359 -18.63 15.79 15.21
C TYR B 359 -18.20 15.78 13.74
N LYS B 360 -18.22 14.60 13.14
CA LYS B 360 -17.82 14.44 11.74
C LYS B 360 -19.04 14.72 10.87
N LEU B 361 -19.00 15.82 10.14
CA LEU B 361 -20.12 16.20 9.30
C LEU B 361 -20.32 15.19 8.18
N PRO B 362 -21.57 14.91 7.82
CA PRO B 362 -21.82 14.15 6.60
C PRO B 362 -21.28 14.91 5.40
N LEU B 363 -20.70 14.15 4.47
CA LEU B 363 -20.08 14.74 3.29
C LEU B 363 -21.07 15.50 2.41
N SER B 364 -22.37 15.25 2.55
CA SER B 364 -23.36 15.91 1.72
C SER B 364 -23.67 17.33 2.18
N LYS B 365 -23.09 17.78 3.29
CA LYS B 365 -23.37 19.09 3.85
C LYS B 365 -22.08 19.79 4.24
N VAL B 366 -21.13 19.84 3.32
CA VAL B 366 -19.82 20.46 3.55
C VAL B 366 -19.63 21.52 2.47
N THR B 367 -19.74 22.79 2.86
CA THR B 367 -19.49 23.90 1.93
C THR B 367 -18.28 24.73 2.36
N TYR B 368 -18.33 25.31 3.56
CA TYR B 368 -17.21 26.04 4.14
C TYR B 368 -17.44 26.14 5.64
N PRO B 369 -16.38 26.36 6.43
CA PRO B 369 -16.51 26.14 7.88
C PRO B 369 -17.59 26.98 8.54
N GLU B 370 -17.81 28.21 8.10
CA GLU B 370 -18.86 29.03 8.70
C GLU B 370 -20.24 28.45 8.43
N ALA B 371 -20.51 28.10 7.17
CA ALA B 371 -21.78 27.50 6.83
C ALA B 371 -21.96 26.17 7.55
N ASN B 372 -20.88 25.41 7.68
CA ASN B 372 -20.95 24.14 8.38
C ASN B 372 -21.31 24.35 9.84
N ARG B 373 -20.69 25.34 10.49
CA ARG B 373 -21.00 25.64 11.87
C ARG B 373 -22.45 26.05 12.04
N ILE B 374 -22.93 26.93 11.15
CA ILE B 374 -24.32 27.38 11.26
C ILE B 374 -25.27 26.21 11.04
N TYR B 375 -24.95 25.34 10.09
CA TYR B 375 -25.76 24.15 9.85
C TYR B 375 -25.81 23.27 11.10
N TYR B 376 -24.67 23.08 11.76
CA TYR B 376 -24.64 22.21 12.91
C TYR B 376 -25.43 22.78 14.08
N LEU B 377 -25.25 24.06 14.38
CA LEU B 377 -26.06 24.64 15.45
C LEU B 377 -27.54 24.70 15.08
N SER B 378 -27.86 24.81 13.79
CA SER B 378 -29.26 24.80 13.38
C SER B 378 -29.91 23.46 13.72
N GLN B 379 -29.19 22.36 13.50
CA GLN B 379 -29.69 21.04 13.84
C GLN B 379 -29.22 20.60 15.23
N SER C 52 -8.17 3.78 43.80
CA SER C 52 -7.49 5.04 43.49
C SER C 52 -7.23 5.18 42.00
N PRO C 53 -7.51 6.37 41.45
CA PRO C 53 -7.24 6.59 40.02
C PRO C 53 -5.81 6.34 39.62
N VAL C 54 -4.84 6.68 40.47
CA VAL C 54 -3.44 6.44 40.14
C VAL C 54 -3.17 4.94 40.03
N PHE C 55 -3.68 4.16 40.98
CA PHE C 55 -3.52 2.71 40.92
C PHE C 55 -4.23 2.13 39.71
N GLN C 56 -5.40 2.67 39.36
CA GLN C 56 -6.11 2.18 38.19
C GLN C 56 -5.31 2.44 36.92
N PHE C 57 -4.73 3.63 36.80
CA PHE C 57 -3.91 3.94 35.63
C PHE C 57 -2.68 3.06 35.57
N PHE C 58 -2.05 2.80 36.72
CA PHE C 58 -0.89 1.90 36.72
C PHE C 58 -1.30 0.50 36.31
N ASP C 59 -2.45 0.02 36.78
CA ASP C 59 -2.94 -1.29 36.35
C ASP C 59 -3.16 -1.31 34.85
N TRP C 60 -3.72 -0.22 34.30
CA TRP C 60 -3.93 -0.14 32.87
C TRP C 60 -2.61 -0.19 32.12
N VAL C 61 -1.58 0.48 32.62
CA VAL C 61 -0.30 0.50 31.94
C VAL C 61 0.39 -0.86 32.00
N LEU C 62 0.34 -1.59 33.11
CA LEU C 62 0.90 -2.93 33.13
C LEU C 62 0.21 -3.86 32.15
N ARG C 63 -1.10 -3.81 32.05
CA ARG C 63 -1.82 -4.65 31.16
C ARG C 63 -1.48 -4.35 29.75
N GLY C 64 -1.24 -3.12 29.46
CA GLY C 64 -0.85 -2.75 28.14
C GLY C 64 0.43 -3.37 27.71
N THR C 65 1.40 -3.45 28.59
CA THR C 65 2.65 -4.02 28.23
C THR C 65 2.41 -5.41 27.85
N SER C 66 1.59 -6.11 28.61
CA SER C 66 1.35 -7.50 28.37
C SER C 66 0.70 -7.81 27.12
N GLN C 67 -0.20 -6.94 26.68
CA GLN C 67 -0.95 -7.18 25.45
C GLN C 67 -0.08 -7.33 24.23
N VAL C 68 1.22 -7.09 24.40
CA VAL C 68 2.15 -7.26 23.27
C VAL C 68 2.32 -8.72 22.88
N MET C 69 2.35 -9.61 23.86
CA MET C 69 2.43 -11.03 23.54
C MET C 69 1.06 -11.67 23.66
N PHE C 70 0.02 -10.89 23.40
CA PHE C 70 -1.36 -11.37 23.46
C PHE C 70 -1.82 -11.88 24.83
N VAL C 71 -1.39 -11.20 25.90
CA VAL C 71 -1.76 -11.60 27.26
C VAL C 71 -2.42 -10.42 28.01
N ASN C 72 -3.37 -10.69 28.91
CA ASN C 72 -3.98 -9.63 29.69
C ASN C 72 -3.88 -10.01 31.16
N ASN C 73 -2.77 -9.64 31.79
CA ASN C 73 -2.54 -9.99 33.19
C ASN C 73 -1.52 -9.05 33.80
N PRO C 74 -1.84 -8.35 34.88
CA PRO C 74 -0.86 -7.45 35.50
C PRO C 74 0.42 -8.14 35.95
N LEU C 75 0.37 -9.39 36.35
CA LEU C 75 1.56 -10.09 36.73
C LEU C 75 2.40 -10.35 35.54
N SER C 76 1.80 -10.72 34.45
CA SER C 76 2.55 -10.89 33.23
C SER C 76 3.23 -9.60 32.83
N GLY C 77 2.52 -8.47 32.97
CA GLY C 77 3.12 -7.19 32.66
C GLY C 77 4.30 -6.85 33.55
N ILE C 78 4.19 -7.13 34.85
CA ILE C 78 5.29 -6.79 35.74
C ILE C 78 6.49 -7.69 35.47
N LEU C 79 6.25 -8.95 35.12
CA LEU C 79 7.36 -9.82 34.72
C LEU C 79 8.01 -9.34 33.43
N ILE C 80 7.20 -8.85 32.49
CA ILE C 80 7.77 -8.31 31.25
C ILE C 80 8.62 -7.09 31.54
N ILE C 81 8.16 -6.22 32.44
CA ILE C 81 8.97 -5.06 32.81
C ILE C 81 10.26 -5.50 33.49
N LEU C 82 10.19 -6.54 34.32
CA LEU C 82 11.40 -7.07 34.94
C LEU C 82 12.38 -7.58 33.90
N GLY C 83 11.87 -8.30 32.90
CA GLY C 83 12.74 -8.78 31.83
C GLY C 83 13.37 -7.65 31.04
N LEU C 84 12.60 -6.61 30.78
CA LEU C 84 13.14 -5.44 30.09
C LEU C 84 14.23 -4.78 30.91
N PHE C 85 14.04 -4.67 32.23
CA PHE C 85 15.10 -4.18 33.10
C PHE C 85 16.33 -5.07 33.04
N ILE C 86 16.14 -6.39 32.92
CA ILE C 86 17.29 -7.28 32.75
C ILE C 86 18.04 -6.93 31.46
N GLN C 87 17.31 -6.70 30.37
CA GLN C 87 17.97 -6.42 29.10
C GLN C 87 18.67 -5.08 29.09
N ASN C 88 17.92 -3.99 29.19
CA ASN C 88 18.47 -2.64 29.19
C ASN C 88 17.57 -1.71 29.99
N PRO C 89 18.08 -1.08 31.04
CA PRO C 89 17.26 -0.09 31.76
C PRO C 89 16.81 1.06 30.88
N TRP C 90 17.65 1.48 29.94
CA TRP C 90 17.29 2.59 29.07
C TRP C 90 16.13 2.22 28.16
N TRP C 91 16.20 1.04 27.54
CA TRP C 91 15.12 0.60 26.67
C TRP C 91 13.83 0.48 27.44
N ALA C 92 13.89 -0.08 28.66
CA ALA C 92 12.69 -0.25 29.45
C ALA C 92 12.10 1.08 29.86
N ILE C 93 12.95 2.06 30.21
CA ILE C 93 12.45 3.38 30.57
C ILE C 93 11.73 3.99 29.38
N SER C 94 12.34 3.92 28.20
CA SER C 94 11.72 4.50 27.01
C SER C 94 10.39 3.82 26.71
N GLY C 95 10.35 2.49 26.79
CA GLY C 95 9.12 1.78 26.47
C GLY C 95 8.01 2.04 27.49
N CYS C 96 8.35 2.08 28.77
CA CYS C 96 7.35 2.36 29.79
C CYS C 96 6.81 3.77 29.64
N LEU C 97 7.68 4.73 29.35
CA LEU C 97 7.19 6.09 29.10
C LEU C 97 6.30 6.12 27.86
N GLY C 98 6.65 5.33 26.84
CA GLY C 98 5.83 5.29 25.64
C GLY C 98 4.43 4.76 25.91
N THR C 99 4.34 3.66 26.67
CA THR C 99 3.01 3.13 26.97
C THR C 99 2.24 4.06 27.90
N ILE C 100 2.94 4.76 28.80
CA ILE C 100 2.26 5.71 29.66
C ILE C 100 1.63 6.82 28.83
N MET C 101 2.39 7.39 27.90
CA MET C 101 1.83 8.43 27.04
C MET C 101 0.72 7.91 26.16
N SER C 102 0.86 6.70 25.63
CA SER C 102 -0.18 6.14 24.76
C SER C 102 -1.49 5.99 25.53
N THR C 103 -1.43 5.39 26.73
CA THR C 103 -2.64 5.24 27.52
C THR C 103 -3.23 6.59 27.91
N LEU C 104 -2.37 7.52 28.33
CA LEU C 104 -2.86 8.82 28.76
C LEU C 104 -3.57 9.55 27.62
N THR C 105 -3.01 9.50 26.41
CA THR C 105 -3.67 10.18 25.30
C THR C 105 -4.89 9.40 24.83
N ALA C 106 -4.95 8.10 25.11
CA ALA C 106 -6.19 7.37 24.89
C ALA C 106 -7.31 7.90 25.77
N LEU C 107 -7.02 8.15 27.04
CA LEU C 107 -8.00 8.82 27.88
C LEU C 107 -8.28 10.24 27.39
N ILE C 108 -7.25 10.94 26.92
CA ILE C 108 -7.43 12.33 26.51
C ILE C 108 -8.39 12.44 25.33
N LEU C 109 -8.20 11.61 24.31
CA LEU C 109 -9.11 11.66 23.17
C LEU C 109 -10.32 10.76 23.36
N SER C 110 -10.95 10.87 24.52
CA SER C 110 -12.25 10.27 24.85
C SER C 110 -12.46 8.93 24.17
N GLN C 111 -11.49 8.03 24.32
CA GLN C 111 -11.63 6.71 23.74
C GLN C 111 -12.41 5.80 24.68
N ASP C 112 -12.66 4.58 24.21
CA ASP C 112 -13.52 3.66 24.94
C ASP C 112 -12.86 3.24 26.25
N LYS C 113 -13.65 3.22 27.32
CA LYS C 113 -13.08 2.93 28.64
C LYS C 113 -12.64 1.49 28.76
N SER C 114 -13.41 0.54 28.21
CA SER C 114 -13.04 -0.86 28.31
C SER C 114 -11.74 -1.15 27.59
N ALA C 115 -11.53 -0.55 26.43
CA ALA C 115 -10.30 -0.77 25.69
C ALA C 115 -9.09 -0.25 26.46
N ILE C 116 -9.21 0.91 27.11
CA ILE C 116 -8.11 1.42 27.91
C ILE C 116 -7.88 0.51 29.13
N ALA C 117 -8.96 0.12 29.81
CA ALA C 117 -8.84 -0.70 31.00
C ALA C 117 -8.27 -2.08 30.71
N ALA C 118 -8.42 -2.57 29.48
CA ALA C 118 -7.87 -3.85 29.09
C ALA C 118 -6.54 -3.73 28.37
N GLY C 119 -6.01 -2.52 28.25
CA GLY C 119 -4.69 -2.35 27.65
C GLY C 119 -4.64 -2.36 26.15
N PHE C 120 -5.72 -2.13 25.44
CA PHE C 120 -5.63 -2.21 24.03
C PHE C 120 -5.16 -0.90 23.48
N HIS C 121 -4.74 0.01 24.31
CA HIS C 121 -4.22 1.29 23.85
C HIS C 121 -2.86 1.62 24.43
N GLY C 122 -2.18 0.63 25.01
CA GLY C 122 -0.87 0.88 25.58
C GLY C 122 0.17 -0.08 25.06
N TYR C 123 -0.26 -1.12 24.35
CA TYR C 123 0.68 -2.11 23.78
C TYR C 123 1.44 -1.55 22.59
N ASN C 124 0.81 -0.69 21.81
CA ASN C 124 1.53 -0.06 20.72
C ASN C 124 2.57 0.93 21.20
N GLY C 125 2.27 1.66 22.28
CA GLY C 125 3.20 2.67 22.75
C GLY C 125 4.48 2.08 23.33
N VAL C 126 4.36 0.98 24.08
CA VAL C 126 5.55 0.38 24.69
C VAL C 126 6.51 -0.10 23.62
N LEU C 127 5.98 -0.72 22.57
CA LEU C 127 6.81 -1.12 21.45
C LEU C 127 7.44 0.09 20.78
N VAL C 128 6.68 1.18 20.65
CA VAL C 128 7.22 2.39 20.05
C VAL C 128 8.43 2.87 20.83
N GLY C 129 8.29 2.99 22.15
CA GLY C 129 9.42 3.43 22.94
C GLY C 129 10.60 2.48 22.85
N LEU C 130 10.33 1.18 22.91
CA LEU C 130 11.41 0.20 22.86
C LEU C 130 12.19 0.30 21.56
N LEU C 131 11.51 0.42 20.43
CA LEU C 131 12.24 0.47 19.17
C LEU C 131 12.69 1.87 18.79
N MET C 132 12.27 2.91 19.51
CA MET C 132 13.04 4.15 19.49
C MET C 132 14.40 3.91 20.14
N ALA C 133 14.40 3.24 21.29
CA ALA C 133 15.65 3.00 22.01
C ALA C 133 16.53 1.95 21.37
N VAL C 134 15.99 1.08 20.52
CA VAL C 134 16.81 0.09 19.84
C VAL C 134 17.43 0.67 18.57
N PHE C 135 16.63 1.32 17.74
CA PHE C 135 17.14 1.92 16.51
C PHE C 135 17.53 3.38 16.72
N SER C 136 18.45 3.59 17.66
CA SER C 136 19.03 4.90 17.91
C SER C 136 20.55 4.78 17.85
N ASP C 137 21.18 5.63 17.04
CA ASP C 137 22.62 5.61 16.87
C ASP C 137 23.36 6.46 17.90
N LYS C 138 22.64 7.16 18.77
CA LYS C 138 23.28 8.04 19.74
C LYS C 138 23.73 7.33 21.00
N GLY C 139 23.46 6.04 21.11
CA GLY C 139 23.87 5.29 22.29
C GLY C 139 22.85 5.36 23.40
N ASP C 140 23.05 4.51 24.39
CA ASP C 140 22.11 4.40 25.49
C ASP C 140 22.15 5.65 26.36
N TYR C 141 21.03 5.90 27.04
CA TYR C 141 20.88 7.04 27.93
C TYR C 141 21.10 8.36 27.19
N TYR C 142 20.46 8.48 26.03
CA TYR C 142 20.39 9.71 25.26
C TYR C 142 19.02 10.31 25.53
N TRP C 143 18.97 11.25 26.46
CA TRP C 143 17.69 11.67 27.03
C TRP C 143 16.84 12.45 26.03
N TRP C 144 17.45 13.02 25.00
CA TRP C 144 16.65 13.77 24.02
C TRP C 144 15.74 12.86 23.22
N LEU C 145 16.00 11.56 23.24
CA LEU C 145 15.18 10.62 22.48
C LEU C 145 13.79 10.48 23.09
N LEU C 146 13.58 10.98 24.31
CA LEU C 146 12.28 10.84 24.95
C LEU C 146 11.21 11.67 24.23
N LEU C 147 11.59 12.82 23.68
CA LEU C 147 10.60 13.68 23.02
C LEU C 147 9.95 13.01 21.81
N PRO C 148 10.70 12.41 20.87
CA PRO C 148 10.02 11.64 19.82
C PRO C 148 9.17 10.52 20.37
N VAL C 149 9.59 9.91 21.49
CA VAL C 149 8.75 8.91 22.13
C VAL C 149 7.43 9.52 22.58
N ILE C 150 7.49 10.70 23.21
CA ILE C 150 6.27 11.43 23.56
C ILE C 150 5.36 11.56 22.34
N ILE C 151 5.89 12.16 21.28
CA ILE C 151 5.05 12.53 20.15
C ILE C 151 4.42 11.28 19.51
N MET C 152 5.24 10.26 19.27
CA MET C 152 4.75 9.11 18.54
C MET C 152 3.84 8.24 19.40
N SER C 153 4.11 8.17 20.70
CA SER C 153 3.20 7.45 21.59
C SER C 153 1.86 8.14 21.64
N MET C 154 1.83 9.48 21.65
CA MET C 154 0.56 10.17 21.56
C MET C 154 -0.11 9.92 20.22
N SER C 155 0.66 9.72 19.16
CA SER C 155 0.10 9.46 17.84
C SER C 155 -0.46 8.06 17.68
N CYS C 156 -0.02 7.10 18.51
CA CYS C 156 -0.45 5.71 18.32
C CYS C 156 -1.96 5.53 18.43
N PRO C 157 -2.65 6.00 19.48
CA PRO C 157 -4.10 5.74 19.58
C PRO C 157 -4.91 6.32 18.43
N ILE C 158 -4.45 7.42 17.83
CA ILE C 158 -5.17 7.97 16.69
C ILE C 158 -5.23 6.97 15.56
N LEU C 159 -4.08 6.36 15.23
CA LEU C 159 -4.06 5.31 14.24
C LEU C 159 -4.83 4.09 14.70
N SER C 160 -4.72 3.74 15.98
CA SER C 160 -5.44 2.58 16.50
C SER C 160 -6.94 2.74 16.39
N SER C 161 -7.44 3.97 16.42
CA SER C 161 -8.88 4.19 16.26
C SER C 161 -9.27 4.31 14.79
N ALA C 162 -8.46 4.99 13.98
CA ALA C 162 -8.77 5.11 12.56
C ALA C 162 -8.77 3.74 11.88
N LEU C 163 -7.71 2.96 12.10
CA LEU C 163 -7.64 1.63 11.52
C LEU C 163 -8.65 0.69 12.17
N GLY C 164 -9.01 0.94 13.42
CA GLY C 164 -10.11 0.20 14.02
C GLY C 164 -11.43 0.45 13.33
N THR C 165 -11.68 1.68 12.88
CA THR C 165 -12.86 1.98 12.10
C THR C 165 -12.79 1.35 10.71
N ILE C 166 -11.62 1.36 10.08
CA ILE C 166 -11.48 0.70 8.78
C ILE C 166 -11.75 -0.79 8.91
N PHE C 167 -11.09 -1.46 9.86
CA PHE C 167 -11.17 -2.90 10.03
C PHE C 167 -12.39 -3.33 10.84
N SER C 168 -13.33 -2.44 11.08
CA SER C 168 -14.54 -2.80 11.81
C SER C 168 -15.56 -3.51 10.94
N LYS C 169 -15.60 -3.19 9.64
CA LYS C 169 -16.58 -3.82 8.76
C LYS C 169 -16.35 -5.31 8.64
N TRP C 170 -15.09 -5.72 8.47
CA TRP C 170 -14.77 -7.13 8.35
C TRP C 170 -14.46 -7.78 9.69
N ASP C 171 -14.60 -7.08 10.79
CA ASP C 171 -14.26 -7.60 12.13
C ASP C 171 -12.90 -8.15 12.31
N LEU C 172 -11.89 -7.31 12.05
CA LEU C 172 -10.50 -7.70 12.22
C LEU C 172 -9.85 -6.76 13.21
N PRO C 173 -8.90 -7.25 14.00
CA PRO C 173 -8.16 -6.38 14.92
C PRO C 173 -7.17 -5.48 14.20
N VAL C 174 -6.88 -4.33 14.78
CA VAL C 174 -5.87 -3.43 14.20
C VAL C 174 -4.50 -4.04 14.27
N PHE C 175 -4.29 -5.00 15.16
CA PHE C 175 -2.98 -5.61 15.36
C PHE C 175 -1.95 -4.59 15.80
N THR C 176 -0.78 -4.65 15.19
CA THR C 176 0.28 -3.72 15.55
C THR C 176 0.42 -2.66 14.48
N LEU C 177 -0.56 -2.58 13.58
CA LEU C 177 -0.47 -1.63 12.47
C LEU C 177 -0.32 -0.17 12.91
N PRO C 178 -1.03 0.25 13.97
CA PRO C 178 -0.77 1.63 14.37
C PRO C 178 0.69 1.81 14.75
N PHE C 179 1.26 0.86 15.49
CA PHE C 179 2.68 0.94 15.85
C PHE C 179 3.58 0.92 14.60
N ASN C 180 3.37 -0.04 13.70
CA ASN C 180 4.18 -0.15 12.49
C ASN C 180 4.19 1.16 11.73
N ILE C 181 3.03 1.77 11.53
CA ILE C 181 2.95 3.04 10.84
C ILE C 181 3.73 4.11 11.59
N THR C 182 3.57 4.15 12.92
CA THR C 182 4.22 5.20 13.69
C THR C 182 5.73 5.07 13.67
N VAL C 183 6.25 3.86 13.90
CA VAL C 183 7.70 3.68 13.98
C VAL C 183 8.33 3.76 12.59
N THR C 184 7.62 3.30 11.55
CA THR C 184 8.13 3.50 10.20
C THR C 184 8.17 4.98 9.86
N LEU C 185 7.16 5.74 10.28
CA LEU C 185 7.17 7.18 10.08
C LEU C 185 8.38 7.81 10.76
N TYR C 186 8.65 7.41 12.00
CA TYR C 186 9.80 7.96 12.72
C TYR C 186 11.11 7.61 12.02
N LEU C 187 11.33 6.32 11.77
CA LEU C 187 12.60 5.87 11.24
C LEU C 187 12.81 6.28 9.78
N ALA C 188 11.75 6.70 9.10
CA ALA C 188 11.90 7.25 7.76
C ALA C 188 12.10 8.76 7.79
N ALA C 189 11.37 9.45 8.67
CA ALA C 189 11.53 10.89 8.79
C ALA C 189 12.93 11.24 9.26
N THR C 190 13.50 10.45 10.16
CA THR C 190 14.85 10.75 10.62
C THR C 190 15.91 10.08 9.75
N GLY C 191 15.94 8.76 9.74
CA GLY C 191 17.00 8.06 9.04
C GLY C 191 18.32 8.17 9.76
N HIS C 192 19.38 7.71 9.08
CA HIS C 192 20.70 7.63 9.67
C HIS C 192 21.42 8.97 9.68
N TYR C 193 20.88 10.00 9.05
CA TYR C 193 21.62 11.21 8.78
C TYR C 193 20.97 12.46 9.37
N ASN C 194 20.58 12.41 10.63
CA ASN C 194 20.10 13.62 11.31
C ASN C 194 21.23 14.25 12.10
N LEU C 195 20.93 15.41 12.67
CA LEU C 195 21.79 16.00 13.68
C LEU C 195 21.20 15.83 15.08
N PHE C 196 19.95 15.39 15.19
CA PHE C 196 19.26 15.24 16.46
C PHE C 196 18.97 13.80 16.82
N PHE C 197 18.27 13.07 15.95
CA PHE C 197 17.80 11.71 16.25
C PHE C 197 18.17 10.76 15.12
N PRO C 198 19.46 10.44 14.97
CA PRO C 198 19.84 9.49 13.93
C PRO C 198 19.47 8.07 14.30
N THR C 199 19.43 7.21 13.29
CA THR C 199 19.05 5.81 13.47
C THR C 199 20.16 4.91 12.94
N THR C 200 20.08 3.64 13.32
CA THR C 200 21.06 2.67 12.86
C THR C 200 20.93 2.44 11.37
N LEU C 201 22.07 2.33 10.70
CA LEU C 201 22.09 2.17 9.25
C LEU C 201 21.72 0.76 8.86
N LEU C 202 20.66 0.61 8.06
CA LEU C 202 20.27 -0.67 7.50
C LEU C 202 20.49 -0.62 5.99
N GLN C 203 21.18 -1.63 5.47
CA GLN C 203 21.55 -1.63 4.07
C GLN C 203 21.12 -2.92 3.39
N PRO C 204 20.80 -2.88 2.10
CA PRO C 204 20.45 -4.11 1.39
C PRO C 204 21.66 -4.99 1.14
N ALA C 205 21.39 -6.27 0.90
CA ALA C 205 22.47 -7.20 0.58
C ALA C 205 23.04 -6.88 -0.79
N SER C 206 24.36 -6.78 -0.86
CA SER C 206 25.05 -6.49 -2.10
C SER C 206 26.10 -7.52 -2.46
N ALA C 207 26.22 -8.60 -1.69
CA ALA C 207 27.15 -9.66 -1.98
C ALA C 207 26.55 -10.98 -1.53
N MET C 208 27.01 -12.06 -2.15
CA MET C 208 26.49 -13.37 -1.83
C MET C 208 26.97 -13.80 -0.46
N PRO C 209 26.07 -14.08 0.48
CA PRO C 209 26.50 -14.45 1.83
C PRO C 209 27.27 -15.76 1.84
N ASN C 210 28.20 -15.85 2.79
CA ASN C 210 29.01 -17.04 2.97
C ASN C 210 28.45 -17.81 4.16
N ILE C 211 27.77 -18.92 3.88
CA ILE C 211 27.17 -19.76 4.91
C ILE C 211 27.87 -21.11 4.86
N THR C 212 28.46 -21.50 5.97
CA THR C 212 29.15 -22.79 6.11
C THR C 212 28.32 -23.65 7.04
N TRP C 213 27.51 -24.54 6.47
CA TRP C 213 26.58 -25.34 7.25
C TRP C 213 27.27 -26.33 8.17
N SER C 214 28.56 -26.58 7.99
CA SER C 214 29.30 -27.50 8.85
C SER C 214 29.72 -26.85 10.16
N GLU C 215 29.51 -25.55 10.32
CA GLU C 215 29.84 -24.85 11.54
C GLU C 215 28.63 -24.13 12.13
N VAL C 216 27.44 -24.70 11.96
CA VAL C 216 26.25 -24.16 12.60
C VAL C 216 26.24 -24.56 14.07
N GLN C 217 25.94 -23.60 14.94
CA GLN C 217 25.86 -23.86 16.38
C GLN C 217 24.43 -24.30 16.68
N VAL C 218 24.23 -25.62 16.76
CA VAL C 218 22.91 -26.14 17.11
C VAL C 218 22.46 -25.67 18.48
N PRO C 219 23.29 -25.66 19.54
CA PRO C 219 22.81 -25.09 20.81
C PRO C 219 22.33 -23.66 20.69
N LEU C 220 23.06 -22.80 19.97
CA LEU C 220 22.59 -21.44 19.77
C LEU C 220 21.34 -21.42 18.90
N LEU C 221 21.25 -22.35 17.94
CA LEU C 221 20.07 -22.45 17.11
C LEU C 221 18.84 -22.74 17.96
N LEU C 222 18.97 -23.65 18.92
CA LEU C 222 17.85 -23.92 19.82
C LEU C 222 17.62 -22.76 20.77
N ARG C 223 18.68 -22.04 21.14
CA ARG C 223 18.51 -20.82 21.94
C ARG C 223 17.75 -19.75 21.18
N ALA C 224 17.63 -19.89 19.86
CA ALA C 224 16.86 -18.92 19.10
C ALA C 224 15.38 -18.92 19.46
N ILE C 225 14.89 -19.93 20.17
CA ILE C 225 13.48 -19.98 20.55
C ILE C 225 13.20 -18.97 21.68
N PRO C 226 13.86 -19.05 22.84
CA PRO C 226 13.61 -18.01 23.85
C PRO C 226 14.02 -16.62 23.38
N VAL C 227 15.08 -16.51 22.58
CA VAL C 227 15.46 -15.22 22.05
C VAL C 227 14.39 -14.71 21.09
N GLY C 228 13.79 -15.61 20.31
CA GLY C 228 12.69 -15.20 19.47
C GLY C 228 11.51 -14.71 20.25
N ILE C 229 11.21 -15.26 21.41
CA ILE C 229 10.08 -14.72 22.13
C ILE C 229 10.40 -13.40 22.79
N GLY C 230 11.62 -12.94 22.66
CA GLY C 230 12.01 -11.74 23.34
C GLY C 230 12.29 -10.65 22.38
N GLN C 231 12.21 -10.97 21.10
CA GLN C 231 12.40 -9.95 20.09
C GLN C 231 11.04 -9.40 19.77
N VAL C 232 10.02 -9.80 20.53
CA VAL C 232 8.71 -9.20 20.32
C VAL C 232 8.89 -7.81 20.87
N TYR C 233 9.75 -7.69 21.88
CA TYR C 233 10.03 -6.38 22.47
C TYR C 233 11.34 -5.78 21.97
N GLY C 234 12.03 -6.47 21.08
CA GLY C 234 13.30 -5.98 20.58
C GLY C 234 14.49 -6.31 21.46
N CYS C 235 14.26 -7.08 22.52
CA CYS C 235 15.35 -7.46 23.43
C CYS C 235 16.05 -8.70 22.88
N ASP C 236 17.29 -8.94 23.30
CA ASP C 236 18.02 -10.07 22.72
C ASP C 236 18.57 -11.01 23.78
N ASN C 237 18.36 -10.74 25.04
CA ASN C 237 18.88 -11.59 26.09
C ASN C 237 18.08 -12.89 26.14
N PRO C 238 18.72 -14.05 26.24
CA PRO C 238 17.96 -15.29 26.43
C PRO C 238 17.11 -15.27 27.70
N TRP C 239 17.61 -14.65 28.77
CA TRP C 239 16.90 -14.72 30.04
C TRP C 239 15.65 -13.85 30.04
N THR C 240 15.67 -12.73 29.33
CA THR C 240 14.44 -11.97 29.18
C THR C 240 13.43 -12.74 28.35
N GLY C 241 13.90 -13.56 27.41
CA GLY C 241 13.00 -14.46 26.70
C GLY C 241 12.37 -15.47 27.63
N GLY C 242 13.16 -16.07 28.52
CA GLY C 242 12.60 -17.00 29.48
C GLY C 242 11.60 -16.35 30.41
N ILE C 243 11.90 -15.12 30.83
CA ILE C 243 10.95 -14.39 31.67
C ILE C 243 9.66 -14.15 30.91
N PHE C 244 9.76 -13.86 29.61
CA PHE C 244 8.55 -13.73 28.80
C PHE C 244 7.78 -15.05 28.73
N LEU C 245 8.49 -16.17 28.57
CA LEU C 245 7.81 -17.46 28.59
C LEU C 245 7.05 -17.66 29.89
N ILE C 246 7.66 -17.32 31.02
CA ILE C 246 6.98 -17.52 32.30
C ILE C 246 5.77 -16.59 32.41
N ALA C 247 5.92 -15.34 31.93
CA ALA C 247 4.81 -14.40 32.00
C ALA C 247 3.64 -14.84 31.13
N LEU C 248 3.93 -15.42 29.96
CA LEU C 248 2.85 -15.98 29.15
C LEU C 248 2.23 -17.20 29.80
N PHE C 249 3.04 -18.04 30.43
CA PHE C 249 2.49 -19.26 31.01
C PHE C 249 1.58 -18.97 32.20
N ILE C 250 1.91 -17.96 33.00
CA ILE C 250 1.10 -17.71 34.19
C ILE C 250 -0.32 -17.32 33.82
N SER C 251 -0.53 -16.84 32.59
CA SER C 251 -1.87 -16.48 32.13
C SER C 251 -2.54 -17.62 31.36
N SER C 252 -1.93 -18.05 30.27
CA SER C 252 -2.50 -19.13 29.47
C SER C 252 -1.39 -20.03 28.93
N PRO C 253 -1.35 -21.29 29.36
CA PRO C 253 -0.31 -22.19 28.85
C PRO C 253 -0.34 -22.37 27.35
N LEU C 254 -1.53 -22.32 26.74
CA LEU C 254 -1.62 -22.52 25.30
C LEU C 254 -0.98 -21.38 24.54
N ILE C 255 -1.05 -20.16 25.07
CA ILE C 255 -0.32 -19.05 24.46
C ILE C 255 1.16 -19.33 24.46
N CYS C 256 1.69 -19.84 25.57
CA CYS C 256 3.10 -20.19 25.66
C CYS C 256 3.46 -21.27 24.64
N LEU C 257 2.63 -22.30 24.52
CA LEU C 257 2.93 -23.37 23.60
C LEU C 257 2.96 -22.86 22.16
N HIS C 258 1.98 -22.04 21.80
CA HIS C 258 1.94 -21.51 20.44
C HIS C 258 3.10 -20.57 20.18
N ALA C 259 3.49 -19.79 21.18
CA ALA C 259 4.62 -18.89 21.02
C ALA C 259 5.91 -19.68 20.79
N ALA C 260 6.14 -20.72 21.57
CA ALA C 260 7.36 -21.51 21.40
C ALA C 260 7.37 -22.22 20.06
N ILE C 261 6.25 -22.81 19.67
CA ILE C 261 6.19 -23.53 18.40
C ILE C 261 6.34 -22.57 17.23
N GLY C 262 5.78 -21.35 17.36
CA GLY C 262 5.94 -20.37 16.31
C GLY C 262 7.37 -19.87 16.19
N SER C 263 8.05 -19.66 17.32
CA SER C 263 9.45 -19.24 17.25
C SER C 263 10.30 -20.32 16.60
N THR C 264 10.10 -21.57 17.00
CA THR C 264 10.83 -22.67 16.37
C THR C 264 10.54 -22.72 14.88
N MET C 265 9.28 -22.49 14.51
CA MET C 265 8.90 -22.61 13.11
C MET C 265 9.45 -21.46 12.29
N GLY C 266 9.53 -20.27 12.88
CA GLY C 266 10.16 -19.15 12.19
C GLY C 266 11.64 -19.36 12.00
N MET C 267 12.31 -19.91 13.02
CA MET C 267 13.68 -20.37 12.85
C MET C 267 13.81 -21.30 11.65
N LEU C 268 13.03 -22.39 11.64
CA LEU C 268 13.17 -23.39 10.60
C LEU C 268 12.89 -22.81 9.22
N ALA C 269 11.87 -21.97 9.12
CA ALA C 269 11.59 -21.31 7.85
C ALA C 269 12.71 -20.37 7.42
N ALA C 270 13.43 -19.77 8.37
CA ALA C 270 14.58 -18.96 8.02
C ALA C 270 15.73 -19.81 7.48
N LEU C 271 15.96 -21.01 8.05
CA LEU C 271 17.01 -21.87 7.53
C LEU C 271 16.75 -22.39 6.13
N THR C 272 15.53 -22.29 5.61
CA THR C 272 15.20 -22.83 4.31
C THR C 272 15.44 -21.86 3.17
N ILE C 273 15.89 -20.64 3.46
CA ILE C 273 16.18 -19.67 2.41
C ILE C 273 17.59 -19.12 2.60
N ALA C 274 18.42 -19.87 3.33
CA ALA C 274 19.82 -19.51 3.56
C ALA C 274 19.95 -18.15 4.21
N THR C 275 19.14 -17.90 5.23
CA THR C 275 19.30 -16.70 6.03
C THR C 275 20.59 -16.79 6.85
N PRO C 276 21.38 -15.73 6.91
CA PRO C 276 22.65 -15.80 7.65
C PRO C 276 22.43 -16.19 9.09
N PHE C 277 23.37 -16.98 9.62
CA PHE C 277 23.18 -17.60 10.93
C PHE C 277 23.12 -16.58 12.05
N ASP C 278 23.79 -15.43 11.88
CA ASP C 278 23.81 -14.45 12.95
C ASP C 278 22.42 -13.92 13.23
N SER C 279 21.58 -13.72 12.25
CA SER C 279 20.28 -13.21 12.51
C SER C 279 19.41 -14.19 13.21
N ILE C 280 19.42 -15.43 12.80
CA ILE C 280 18.55 -16.40 13.38
C ILE C 280 18.87 -16.51 14.84
N TYR C 281 20.12 -16.44 15.22
CA TYR C 281 20.48 -16.57 16.60
C TYR C 281 19.87 -15.44 17.42
N PHE C 282 19.85 -14.22 16.92
CA PHE C 282 19.19 -13.07 17.56
C PHE C 282 17.70 -13.10 17.53
N GLY C 283 17.12 -13.81 16.60
CA GLY C 283 15.70 -13.96 16.52
C GLY C 283 15.05 -13.06 15.56
N LEU C 284 15.84 -12.30 14.87
CA LEU C 284 15.28 -11.36 14.00
C LEU C 284 14.45 -12.21 13.05
N CYS C 285 14.72 -13.51 12.93
CA CYS C 285 13.78 -14.35 12.18
C CYS C 285 12.56 -14.84 12.96
N GLY C 286 12.77 -15.24 14.20
CA GLY C 286 11.68 -15.81 15.01
C GLY C 286 10.44 -15.04 15.43
N PHE C 287 10.56 -13.77 15.76
CA PHE C 287 9.41 -13.04 16.32
C PHE C 287 8.11 -12.82 15.51
N ASN C 288 8.20 -12.54 14.21
CA ASN C 288 7.00 -12.33 13.41
C ASN C 288 6.17 -13.61 13.42
N SER C 289 6.82 -14.73 13.73
CA SER C 289 6.17 -16.03 13.73
C SER C 289 5.49 -16.31 15.07
N THR C 290 6.10 -15.87 16.16
CA THR C 290 5.49 -16.07 17.48
C THR C 290 4.14 -15.37 17.57
N LEU C 291 4.10 -14.09 17.19
CA LEU C 291 2.87 -13.34 17.26
C LEU C 291 1.81 -13.92 16.33
N ALA C 292 2.22 -14.33 15.12
CA ALA C 292 1.26 -14.91 14.19
C ALA C 292 0.68 -16.22 14.74
N CYS C 293 1.54 -17.06 15.32
CA CYS C 293 1.07 -18.32 15.86
C CYS C 293 0.12 -18.11 17.02
N ILE C 294 0.45 -17.18 17.92
CA ILE C 294 -0.45 -16.89 19.03
C ILE C 294 -1.76 -16.33 18.51
N ALA C 295 -1.70 -15.54 17.44
CA ALA C 295 -2.92 -14.98 16.87
C ALA C 295 -3.85 -16.05 16.33
N ILE C 296 -3.32 -16.96 15.50
CA ILE C 296 -4.20 -17.88 14.81
C ILE C 296 -4.52 -19.13 15.63
N GLY C 297 -3.68 -19.48 16.60
CA GLY C 297 -3.93 -20.67 17.38
C GLY C 297 -5.21 -20.61 18.20
N GLY C 298 -5.23 -19.74 19.20
CA GLY C 298 -6.36 -19.71 20.11
C GLY C 298 -6.88 -18.34 20.45
N MET C 299 -6.22 -17.29 19.99
CA MET C 299 -6.69 -15.96 20.31
C MET C 299 -7.89 -15.53 19.49
N PHE C 300 -7.81 -15.61 18.17
CA PHE C 300 -8.87 -15.08 17.32
C PHE C 300 -9.61 -16.18 16.60
N TYR C 301 -9.30 -17.43 16.91
CA TYR C 301 -10.05 -18.59 16.46
C TYR C 301 -10.36 -19.42 17.71
N VAL C 302 -11.10 -20.50 17.52
CA VAL C 302 -11.24 -21.50 18.57
C VAL C 302 -10.16 -22.54 18.38
N ILE C 303 -9.49 -22.92 19.47
CA ILE C 303 -8.39 -23.87 19.34
C ILE C 303 -8.90 -25.25 18.97
N THR C 304 -8.49 -25.71 17.80
CA THR C 304 -8.68 -27.08 17.34
C THR C 304 -7.41 -27.49 16.62
N TRP C 305 -7.30 -28.78 16.31
CA TRP C 305 -6.12 -29.25 15.60
C TRP C 305 -6.03 -28.62 14.21
N GLN C 306 -7.17 -28.46 13.53
CA GLN C 306 -7.17 -27.77 12.25
C GLN C 306 -6.67 -26.34 12.42
N THR C 307 -7.14 -25.67 13.46
CA THR C 307 -6.72 -24.29 13.71
C THR C 307 -5.26 -24.25 14.16
N HIS C 308 -4.79 -25.28 14.85
CA HIS C 308 -3.37 -25.36 15.18
C HIS C 308 -2.51 -25.45 13.93
N LEU C 309 -2.91 -26.30 12.98
CA LEU C 309 -2.17 -26.39 11.73
C LEU C 309 -2.25 -25.09 10.95
N LEU C 310 -3.40 -24.42 10.98
CA LEU C 310 -3.51 -23.14 10.32
C LEU C 310 -2.61 -22.09 10.97
N ALA C 311 -2.47 -22.14 12.29
CA ALA C 311 -1.55 -21.24 12.98
C ALA C 311 -0.10 -21.52 12.58
N ILE C 312 0.25 -22.79 12.43
CA ILE C 312 1.59 -23.13 11.95
C ILE C 312 1.80 -22.59 10.54
N ALA C 313 0.80 -22.74 9.68
CA ALA C 313 0.91 -22.21 8.32
C ALA C 313 1.05 -20.69 8.33
N CYS C 314 0.33 -20.02 9.23
CA CYS C 314 0.47 -18.57 9.36
C CYS C 314 1.86 -18.22 9.86
N ALA C 315 2.45 -19.05 10.72
CA ALA C 315 3.81 -18.82 11.16
C ALA C 315 4.79 -18.93 9.99
N LEU C 316 4.61 -19.94 9.13
CA LEU C 316 5.46 -20.05 7.95
C LEU C 316 5.31 -18.81 7.07
N PHE C 317 4.08 -18.40 6.82
CA PHE C 317 3.84 -17.25 5.96
C PHE C 317 4.43 -15.99 6.57
N ALA C 318 4.33 -15.84 7.88
CA ALA C 318 4.91 -14.70 8.56
C ALA C 318 6.43 -14.71 8.46
N ALA C 319 7.05 -15.87 8.56
CA ALA C 319 8.50 -15.93 8.44
C ALA C 319 8.97 -15.57 7.04
N TYR C 320 8.34 -16.14 6.02
CA TYR C 320 8.75 -15.83 4.65
C TYR C 320 8.45 -14.39 4.29
N LEU C 321 7.31 -13.86 4.74
CA LEU C 321 7.02 -12.45 4.52
C LEU C 321 7.97 -11.57 5.34
N GLY C 322 8.47 -12.07 6.46
CA GLY C 322 9.49 -11.35 7.19
C GLY C 322 10.77 -11.21 6.39
N ALA C 323 11.19 -12.30 5.76
CA ALA C 323 12.35 -12.21 4.89
C ALA C 323 12.08 -11.25 3.74
N ALA C 324 10.90 -11.34 3.12
CA ALA C 324 10.60 -10.50 1.97
C ALA C 324 10.59 -9.03 2.34
N LEU C 325 9.92 -8.67 3.42
CA LEU C 325 9.82 -7.27 3.82
C LEU C 325 11.14 -6.77 4.40
N ALA C 326 11.94 -7.65 5.00
CA ALA C 326 13.27 -7.25 5.43
C ALA C 326 14.21 -6.96 4.28
N ASN C 327 14.02 -7.63 3.15
CA ASN C 327 14.81 -7.29 1.97
C ASN C 327 14.24 -6.11 1.19
N MET C 328 12.93 -5.89 1.25
CA MET C 328 12.37 -4.73 0.54
C MET C 328 12.56 -3.45 1.34
N LEU C 329 12.12 -3.41 2.59
CA LEU C 329 12.18 -2.22 3.40
C LEU C 329 13.60 -1.80 3.74
N SER C 330 14.58 -2.66 3.49
CA SER C 330 15.96 -2.32 3.80
C SER C 330 16.50 -1.23 2.87
N VAL C 331 15.98 -1.13 1.65
CA VAL C 331 16.46 -0.10 0.73
C VAL C 331 16.11 1.28 1.26
N PHE C 332 14.97 1.42 1.94
CA PHE C 332 14.63 2.68 2.57
C PHE C 332 15.46 2.96 3.81
N GLY C 333 16.16 1.96 4.33
CA GLY C 333 16.79 2.07 5.63
C GLY C 333 15.87 1.75 6.78
N LEU C 334 14.84 0.93 6.54
CA LEU C 334 13.83 0.61 7.53
C LEU C 334 13.85 -0.87 7.85
N PRO C 335 13.52 -1.25 9.08
CA PRO C 335 13.45 -2.66 9.44
C PRO C 335 12.05 -3.20 9.26
N PRO C 336 11.89 -4.52 9.18
CA PRO C 336 10.57 -5.14 9.04
C PRO C 336 9.89 -5.32 10.39
N CYS C 337 9.68 -4.21 11.08
CA CYS C 337 9.26 -4.24 12.48
C CYS C 337 7.79 -4.64 12.57
N THR C 338 7.57 -5.95 12.62
CA THR C 338 6.26 -6.55 12.90
C THR C 338 5.22 -6.19 11.83
N TRP C 339 5.69 -5.84 10.62
CA TRP C 339 4.78 -5.76 9.48
C TRP C 339 4.37 -7.15 9.02
N PRO C 340 5.28 -8.12 8.87
CA PRO C 340 4.86 -9.44 8.39
C PRO C 340 3.86 -10.12 9.27
N PHE C 341 3.97 -9.98 10.59
CA PHE C 341 2.95 -10.54 11.48
C PHE C 341 1.59 -9.96 11.15
N CYS C 342 1.52 -8.63 11.04
CA CYS C 342 0.25 -7.98 10.75
C CYS C 342 -0.34 -8.52 9.46
N LEU C 343 0.44 -8.50 8.38
CA LEU C 343 -0.13 -8.87 7.09
C LEU C 343 -0.48 -10.35 7.04
N SER C 344 0.39 -11.22 7.53
CA SER C 344 0.12 -12.65 7.47
C SER C 344 -1.08 -13.03 8.33
N ALA C 345 -1.18 -12.46 9.53
CA ALA C 345 -2.27 -12.86 10.40
C ALA C 345 -3.59 -12.22 9.97
N LEU C 346 -3.54 -11.04 9.34
CA LEU C 346 -4.76 -10.52 8.72
C LEU C 346 -5.21 -11.38 7.56
N THR C 347 -4.28 -11.81 6.71
CA THR C 347 -4.69 -12.62 5.57
C THR C 347 -5.08 -14.04 5.98
N PHE C 348 -4.68 -14.49 7.16
CA PHE C 348 -5.17 -15.75 7.67
C PHE C 348 -6.44 -15.61 8.50
N LEU C 349 -6.73 -14.42 9.02
CA LEU C 349 -7.97 -14.21 9.76
C LEU C 349 -9.12 -13.83 8.85
N LEU C 350 -8.84 -13.32 7.65
CA LEU C 350 -9.86 -13.07 6.64
C LEU C 350 -10.26 -14.32 5.87
N LEU C 351 -9.54 -15.42 6.03
CA LEU C 351 -9.85 -16.63 5.29
C LEU C 351 -11.27 -17.09 5.60
N THR C 352 -12.05 -17.36 4.57
CA THR C 352 -13.38 -17.91 4.70
C THR C 352 -13.35 -19.33 4.19
N THR C 353 -13.69 -20.27 5.07
CA THR C 353 -13.64 -21.69 4.74
C THR C 353 -14.93 -22.34 5.20
N ASN C 354 -15.29 -23.44 4.54
CA ASN C 354 -16.51 -24.16 4.87
C ASN C 354 -16.33 -25.13 6.03
N ASN C 355 -15.10 -25.31 6.49
CA ASN C 355 -14.83 -26.25 7.58
C ASN C 355 -15.46 -25.73 8.86
N PRO C 356 -16.37 -26.47 9.49
CA PRO C 356 -17.00 -25.98 10.73
C PRO C 356 -16.02 -25.79 11.88
N ALA C 357 -14.88 -26.48 11.87
CA ALA C 357 -13.94 -26.40 12.97
C ALA C 357 -13.20 -25.06 12.99
N ILE C 358 -13.01 -24.42 11.85
CA ILE C 358 -12.32 -23.13 11.79
C ILE C 358 -13.41 -22.07 11.99
N TYR C 359 -13.62 -21.68 13.23
CA TYR C 359 -14.64 -20.70 13.58
C TYR C 359 -13.96 -19.41 14.03
N LYS C 360 -14.26 -18.31 13.35
CA LYS C 360 -13.67 -17.02 13.67
C LYS C 360 -14.51 -16.37 14.78
N LEU C 361 -13.94 -16.27 15.97
CA LEU C 361 -14.66 -15.71 17.09
C LEU C 361 -14.97 -14.24 16.86
N PRO C 362 -16.13 -13.77 17.29
CA PRO C 362 -16.38 -12.34 17.32
C PRO C 362 -15.38 -11.65 18.22
N LEU C 363 -14.93 -10.48 17.80
CA LEU C 363 -13.92 -9.74 18.54
C LEU C 363 -14.38 -9.32 19.93
N SER C 364 -15.67 -9.31 20.20
CA SER C 364 -16.19 -8.89 21.49
C SER C 364 -16.06 -9.98 22.56
N LYS C 365 -15.60 -11.17 22.19
CA LYS C 365 -15.53 -12.30 23.11
C LYS C 365 -14.17 -12.99 22.99
N VAL C 366 -13.09 -12.21 23.03
CA VAL C 366 -11.74 -12.73 22.91
C VAL C 366 -10.97 -12.30 24.16
N THR C 367 -10.69 -13.25 25.06
CA THR C 367 -9.89 -12.97 26.24
C THR C 367 -8.60 -13.76 26.24
N TYR C 368 -8.67 -15.09 26.19
CA TYR C 368 -7.52 -15.96 26.08
C TYR C 368 -8.00 -17.32 25.60
N PRO C 369 -7.12 -18.12 25.00
CA PRO C 369 -7.59 -19.29 24.24
C PRO C 369 -8.42 -20.28 25.05
N GLU C 370 -8.10 -20.48 26.33
CA GLU C 370 -8.90 -21.39 27.15
C GLU C 370 -10.31 -20.85 27.36
N ALA C 371 -10.42 -19.58 27.74
CA ALA C 371 -11.73 -18.98 27.92
C ALA C 371 -12.51 -18.96 26.61
N ASN C 372 -11.81 -18.72 25.51
CA ASN C 372 -12.46 -18.73 24.19
C ASN C 372 -13.01 -20.10 23.88
N ARG C 373 -12.23 -21.14 24.15
CA ARG C 373 -12.69 -22.51 23.90
C ARG C 373 -13.91 -22.84 24.74
N ILE C 374 -13.87 -22.48 26.03
CA ILE C 374 -15.00 -22.77 26.91
C ILE C 374 -16.22 -22.01 26.45
N TYR C 375 -16.05 -20.76 26.04
CA TYR C 375 -17.15 -19.97 25.51
C TYR C 375 -17.76 -20.63 24.28
N TYR C 376 -16.92 -21.13 23.38
CA TYR C 376 -17.43 -21.72 22.15
C TYR C 376 -18.19 -23.01 22.43
N LEU C 377 -17.64 -23.90 23.26
CA LEU C 377 -18.40 -25.10 23.58
C LEU C 377 -19.65 -24.80 24.38
N SER C 378 -19.64 -23.71 25.17
CA SER C 378 -20.85 -23.35 25.89
C SER C 378 -21.97 -22.98 24.94
N GLN C 379 -21.66 -22.28 23.87
CA GLN C 379 -22.65 -21.92 22.86
C GLN C 379 -22.65 -22.93 21.71
C13 A1LU9 D . 9.05 -6.44 -17.02
C15 A1LU9 D . 11.63 -6.01 -17.00
C17 A1LU9 D . 10.67 -8.21 -15.91
C21 A1LU9 D . 14.23 -3.18 -16.68
C01 A1LU9 D . 3.52 -12.20 -15.53
C02 A1LU9 D . 4.82 -11.66 -16.04
O03 A1LU9 D . 2.89 -11.62 -14.75
C04 A1LU9 D . 3.14 -13.60 -16.02
C05 A1LU9 D . 5.47 -12.37 -16.99
C06 A1LU9 D . 6.58 -11.70 -17.24
C07 A1LU9 D . 6.67 -10.62 -16.47
O08 A1LU9 D . 5.55 -10.55 -15.70
C09 A1LU9 D . 7.89 -9.76 -16.71
O10 A1LU9 D . 8.62 -10.15 -17.57
N11 A1LU9 D . 8.10 -8.54 -15.98
C12 A1LU9 D . 9.27 -7.75 -16.29
C14 A1LU9 D . 10.23 -5.55 -17.38
C16 A1LU9 D . 11.86 -7.33 -16.28
N18 A1LU9 D . 12.75 -5.17 -17.33
C19 A1LU9 D . 13.06 -4.10 -16.40
O20 A1LU9 D . 12.42 -3.95 -15.42
C13 A1LU9 E . -15.07 -14.29 -10.77
C15 A1LU9 E . -16.24 -14.22 -8.42
C17 A1LU9 E . -13.68 -13.84 -8.57
C21 A1LU9 E . -18.88 -13.55 -5.66
C01 A1LU9 E . -7.49 -13.21 -13.95
C02 A1LU9 E . -8.69 -13.51 -13.10
O03 A1LU9 E . -6.71 -12.44 -13.55
C04 A1LU9 E . -7.31 -13.83 -15.31
C05 A1LU9 E . -8.66 -13.40 -11.75
C06 A1LU9 E . -9.85 -13.71 -11.23
C07 A1LU9 E . -10.64 -14.03 -12.28
O08 A1LU9 E . -9.94 -13.92 -13.43
C09 A1LU9 E . -12.07 -14.42 -12.01
O10 A1LU9 E . -12.71 -15.06 -12.76
N11 A1LU9 E . -12.49 -13.88 -10.75
C12 A1LU9 E . -13.75 -14.02 -10.07
C14 A1LU9 E . -16.33 -14.40 -9.93
C16 A1LU9 E . -14.93 -13.95 -7.74
N18 A1LU9 E . -17.42 -14.33 -7.60
C19 A1LU9 E . -17.58 -13.47 -6.45
O20 A1LU9 E . -16.72 -12.73 -6.11
C13 A1LU9 F . 9.47 17.91 -1.41
C15 A1LU9 F . 11.98 17.66 -2.12
C17 A1LU9 F . 10.12 17.76 -3.98
C21 A1LU9 F . 15.28 15.98 -1.03
C01 A1LU9 F . 2.10 19.44 -4.49
C02 A1LU9 F . 3.59 19.60 -4.35
O03 A1LU9 F . 1.56 18.49 -4.09
C04 A1LU9 F . 1.37 20.54 -5.24
C05 A1LU9 F . 4.13 20.78 -4.77
C06 A1LU9 F . 5.43 20.66 -4.57
C07 A1LU9 F . 5.74 19.46 -4.06
O08 A1LU9 F . 4.58 18.77 -3.90
C09 A1LU9 F . 7.18 19.25 -3.76
O10 A1LU9 F . 7.90 20.18 -4.00
N11 A1LU9 F . 7.66 18.01 -3.18
C12 A1LU9 F . 9.07 17.90 -2.88
C14 A1LU9 F . 10.93 17.78 -1.03
C16 A1LU9 F . 11.58 17.65 -3.59
N18 A1LU9 F . 13.36 17.53 -1.76
C19 A1LU9 F . 13.84 16.20 -1.43
O20 A1LU9 F . 13.10 15.27 -1.47
C13 A1LU9 G . -16.60 16.50 -0.74
C15 A1LU9 G . -18.14 14.42 -1.24
C17 A1LU9 G . -15.62 14.34 -1.90
C21 A1LU9 G . -20.87 11.71 -0.83
C01 A1LU9 G . -8.64 18.68 -1.53
C02 A1LU9 G . -10.02 18.09 -1.68
O03 A1LU9 G . -7.74 17.94 -1.41
C04 A1LU9 G . -8.42 20.15 -1.53
C05 A1LU9 G . -10.22 16.85 -2.18
C06 A1LU9 G . -11.52 16.56 -2.17
C07 A1LU9 G . -12.16 17.64 -1.67
O08 A1LU9 G . -11.24 18.59 -1.35
C09 A1LU9 G . -13.65 17.61 -1.52
O10 A1LU9 G . -14.31 18.59 -1.44
N11 A1LU9 G . -14.10 16.25 -1.47
C12 A1LU9 G . -15.44 15.74 -1.36
C14 A1LU9 G . -17.96 15.83 -0.69
C16 A1LU9 G . -16.97 13.67 -1.84
N18 A1LU9 G . -19.42 13.77 -1.21
C19 A1LU9 G . -19.50 12.35 -0.95
O20 A1LU9 G . -18.52 11.68 -0.85
C13 A1LU9 H . 15.19 -7.44 11.21
C15 A1LU9 H . 17.53 -6.72 10.30
C17 A1LU9 H . 16.24 -5.13 11.96
C21 A1LU9 H . 19.75 -6.90 7.15
C01 A1LU9 H . 9.59 -5.42 16.75
C02 A1LU9 H . 10.99 -5.63 16.23
O03 A1LU9 H . 8.70 -5.30 16.03
C04 A1LU9 H . 9.46 -5.28 18.27
C05 A1LU9 H . 11.97 -5.83 17.14
C06 A1LU9 H . 13.08 -5.96 16.43
C07 A1LU9 H . 12.84 -5.84 15.13
O08 A1LU9 H . 11.50 -5.62 14.96
C09 A1LU9 H . 14.04 -6.01 14.23
O10 A1LU9 H . 15.06 -6.26 14.79
N11 A1LU9 H . 13.93 -5.92 12.80
C12 A1LU9 H . 15.11 -6.15 12.00
C14 A1LU9 H . 16.40 -7.73 10.34
C16 A1LU9 H . 17.46 -5.43 11.09
N18 A1LU9 H . 18.68 -7.00 9.47
C19 A1LU9 H . 18.57 -6.65 8.07
O20 A1LU9 H . 17.58 -6.16 7.64
C13 A1LU9 I . -9.31 -7.09 20.30
C15 A1LU9 I . -11.33 -5.63 19.47
C17 A1LU9 I . -8.92 -5.04 18.68
C21 A1LU9 I . -14.86 -4.66 18.22
C01 A1LU9 I . -1.10 -7.53 19.19
C02 A1LU9 I . -2.54 -7.10 19.34
O03 A1LU9 I . -0.55 -7.28 18.18
C04 A1LU9 I . -0.37 -8.25 20.28
C05 A1LU9 I . -3.05 -6.06 18.64
C06 A1LU9 I . -4.34 -5.91 18.94
C07 A1LU9 I . -4.64 -6.87 19.84
O08 A1LU9 I . -3.54 -7.62 20.09
C09 A1LU9 I . -6.05 -6.98 20.35
O10 A1LU9 I . -6.33 -7.50 21.36
N11 A1LU9 I . -6.96 -6.36 19.42
C12 A1LU9 I . -8.38 -6.20 19.49
C14 A1LU9 I . -10.79 -6.80 20.30
C16 A1LU9 I . -10.40 -4.75 18.67
N18 A1LU9 I . -12.72 -5.34 19.46
C19 A1LU9 I . -13.36 -4.88 18.24
O20 A1LU9 I . -12.72 -4.66 17.26
#